data_4RP0
# 
_entry.id   4RP0 
# 
_audit_conform.dict_name       mmcif_pdbx.dic 
_audit_conform.dict_version    5.379 
_audit_conform.dict_location   http://mmcif.pdb.org/dictionaries/ascii/mmcif_pdbx.dic 
# 
loop_
_database_2.database_id 
_database_2.database_code 
_database_2.pdbx_database_accession 
_database_2.pdbx_DOI 
PDB   4RP0         pdb_00004rp0 10.2210/pdb4rp0/pdb 
NDB   NA3272       ?            ?                   
RCSB  RCSB087617   ?            ?                   
WWPDB D_1000087617 ?            ?                   
# 
loop_
_pdbx_database_related.db_name 
_pdbx_database_related.db_id 
_pdbx_database_related.details 
_pdbx_database_related.content_type 
PDB 4RNK 'Sequence and structure of a self-assembled 3-D DNA crystal: D(GGAAAATTTGGAG)' unspecified 
PDB 1P1Y 'Crystal structure of a continuous three-dimensional DNA lattice.'             unspecified 
PDB 4RO4 .                                                                              unspecified 
PDB 4RO7 .                                                                              unspecified 
PDB 4RO8 .                                                                              unspecified 
PDB 4ROG .                                                                              unspecified 
PDB 4ROK .                                                                              unspecified 
PDB 4RON .                                                                              unspecified 
PDB 4ROO .                                                                              unspecified 
PDB 4ROY .                                                                              unspecified 
PDB 4ROZ .                                                                              unspecified 
PDB 4RP1 .                                                                              unspecified 
PDB 4RP2 .                                                                              unspecified 
# 
_pdbx_database_status.status_code                     REL 
_pdbx_database_status.entry_id                        4RP0 
_pdbx_database_status.recvd_initial_deposition_date   2014-10-29 
_pdbx_database_status.deposit_site                    RCSB 
_pdbx_database_status.process_site                    RCSB 
_pdbx_database_status.status_code_sf                  REL 
_pdbx_database_status.status_code_mr                  ? 
_pdbx_database_status.SG_entry                        ? 
_pdbx_database_status.status_code_cs                  ? 
_pdbx_database_status.methods_development_category    ? 
_pdbx_database_status.pdb_format_compatible           Y 
_pdbx_database_status.status_code_nmr_data            ? 
# 
loop_
_audit_author.name 
_audit_author.pdbx_ordinal 
'Saoji, M.M.'      1 
'Paukstelis, P.J.' 2 
# 
loop_
_citation.id 
_citation.title 
_citation.journal_abbrev 
_citation.journal_volume 
_citation.page_first 
_citation.page_last 
_citation.year 
_citation.journal_id_ASTM 
_citation.country 
_citation.journal_id_ISSN 
_citation.journal_id_CSD 
_citation.book_publisher 
_citation.pdbx_database_id_PubMed 
_citation.pdbx_database_id_DOI 
primary 'Probing the role of sequence in the assembly of three-dimensional DNA crystals.' Biopolymers 103 618  626  2015 BIPMAA US 
0006-3525 0161 ? 26015367 10.1002/bip.22688              
1       'Crystal structure of a continuous three-dimensional DNA lattice.'                Chem.Biol.  11  1119 1126 2004 CBOLE2 UK 
1074-5521 2050 ? 15324813 10.1016/j.chembiol.2004.05.021 
# 
loop_
_citation_author.citation_id 
_citation_author.name 
_citation_author.ordinal 
_citation_author.identifier_ORCID 
primary 'Saoji, M.'        1 ? 
primary 'Zhang, D.'        2 ? 
primary 'Paukstelis, P.J.' 3 ? 
1       'Paukstelis, P.J.' 4 ? 
1       'Nowakowski, J.'   5 ? 
1       'Birktoft, J.J.'   6 ? 
1       'Seeman, N.C.'     7 ? 
# 
_cell.entry_id           4RP0 
_cell.length_a           40.177 
_cell.length_b           40.177 
_cell.length_c           53.015 
_cell.angle_alpha        90.00 
_cell.angle_beta         90.00 
_cell.angle_gamma        120.00 
_cell.Z_PDB              6 
_cell.pdbx_unique_axis   ? 
_cell.length_a_esd       ? 
_cell.length_b_esd       ? 
_cell.length_c_esd       ? 
_cell.angle_alpha_esd    ? 
_cell.angle_beta_esd     ? 
_cell.angle_gamma_esd    ? 
# 
_symmetry.entry_id                         4RP0 
_symmetry.space_group_name_H-M             'P 64' 
_symmetry.pdbx_full_space_group_name_H-M   ? 
_symmetry.cell_setting                     ? 
_symmetry.Int_Tables_number                172 
_symmetry.space_group_name_Hall            ? 
# 
loop_
_entity.id 
_entity.type 
_entity.src_method 
_entity.pdbx_description 
_entity.formula_weight 
_entity.pdbx_number_of_molecules 
_entity.pdbx_ec 
_entity.pdbx_mutation 
_entity.pdbx_fragment 
_entity.details 
1 polymer     syn 'D(GGATAATTAGGAG)' 4079.684 1 ? ? ? ? 
2 non-polymer syn 'MAGNESIUM ION'    24.305   1 ? ? ? ? 
3 water       nat water              18.015   2 ? ? ? ? 
# 
_entity_poly.entity_id                      1 
_entity_poly.type                           polydeoxyribonucleotide 
_entity_poly.nstd_linkage                   no 
_entity_poly.nstd_monomer                   no 
_entity_poly.pdbx_seq_one_letter_code       '(DG)(DG)(DA)(DT)(DA)(DA)(DT)(DT)(DA)(DG)(DG)(DA)(DG)' 
_entity_poly.pdbx_seq_one_letter_code_can   GGATAATTAGGAG 
_entity_poly.pdbx_strand_id                 A 
_entity_poly.pdbx_target_identifier         ? 
# 
loop_
_entity_poly_seq.entity_id 
_entity_poly_seq.num 
_entity_poly_seq.mon_id 
_entity_poly_seq.hetero 
1 1  DG n 
1 2  DG n 
1 3  DA n 
1 4  DT n 
1 5  DA n 
1 6  DA n 
1 7  DT n 
1 8  DT n 
1 9  DA n 
1 10 DG n 
1 11 DG n 
1 12 DA n 
1 13 DG n 
# 
_pdbx_entity_src_syn.entity_id              1 
_pdbx_entity_src_syn.pdbx_src_id            1 
_pdbx_entity_src_syn.pdbx_alt_source_flag   sample 
_pdbx_entity_src_syn.pdbx_beg_seq_num       ? 
_pdbx_entity_src_syn.pdbx_end_seq_num       ? 
_pdbx_entity_src_syn.organism_scientific    ? 
_pdbx_entity_src_syn.organism_common_name   ? 
_pdbx_entity_src_syn.ncbi_taxonomy_id       ? 
_pdbx_entity_src_syn.details                'DNA molecule synthesized using a DNA synthesizer.' 
# 
_struct_ref.id                         1 
_struct_ref.db_name                    PDB 
_struct_ref.db_code                    4RP0 
_struct_ref.pdbx_db_accession          4RP0 
_struct_ref.entity_id                  1 
_struct_ref.pdbx_align_begin           ? 
_struct_ref.pdbx_seq_one_letter_code   GGATAATTAGGAG 
_struct_ref.pdbx_db_isoform            ? 
# 
_struct_ref_seq.align_id                      1 
_struct_ref_seq.ref_id                        1 
_struct_ref_seq.pdbx_PDB_id_code              4RP0 
_struct_ref_seq.pdbx_strand_id                A 
_struct_ref_seq.seq_align_beg                 1 
_struct_ref_seq.pdbx_seq_align_beg_ins_code   ? 
_struct_ref_seq.seq_align_end                 13 
_struct_ref_seq.pdbx_seq_align_end_ins_code   ? 
_struct_ref_seq.pdbx_db_accession             4RP0 
_struct_ref_seq.db_align_beg                  1 
_struct_ref_seq.pdbx_db_align_beg_ins_code    ? 
_struct_ref_seq.db_align_end                  13 
_struct_ref_seq.pdbx_db_align_end_ins_code    ? 
_struct_ref_seq.pdbx_auth_seq_align_beg       1 
_struct_ref_seq.pdbx_auth_seq_align_end       13 
# 
loop_
_chem_comp.id 
_chem_comp.type 
_chem_comp.mon_nstd_flag 
_chem_comp.name 
_chem_comp.pdbx_synonyms 
_chem_comp.formula 
_chem_comp.formula_weight 
DA  'DNA linking' y "2'-DEOXYADENOSINE-5'-MONOPHOSPHATE" ? 'C10 H14 N5 O6 P' 331.222 
DG  'DNA linking' y "2'-DEOXYGUANOSINE-5'-MONOPHOSPHATE" ? 'C10 H14 N5 O7 P' 347.221 
DT  'DNA linking' y "THYMIDINE-5'-MONOPHOSPHATE"         ? 'C10 H15 N2 O8 P' 322.208 
HOH non-polymer   . WATER                                ? 'H2 O'            18.015  
MG  non-polymer   . 'MAGNESIUM ION'                      ? 'Mg 2'            24.305  
# 
_exptl.entry_id          4RP0 
_exptl.method            'X-RAY DIFFRACTION' 
_exptl.crystals_number   1 
# 
_exptl_crystal.id                    1 
_exptl_crystal.density_meas          ? 
_exptl_crystal.density_Matthews      3.03 
_exptl_crystal.density_percent_sol   59.37 
_exptl_crystal.description           ? 
_exptl_crystal.F_000                 ? 
_exptl_crystal.preparation           ? 
# 
_exptl_crystal_grow.crystal_id      1 
_exptl_crystal_grow.method          EVAPORATION 
_exptl_crystal_grow.temp            298 
_exptl_crystal_grow.temp_details    ? 
_exptl_crystal_grow.pH              ? 
_exptl_crystal_grow.pdbx_details    
;Self-assembling 3D DNA crystal 
120mM Magnesium Formate, 50mM Lithium Chloride, 10% MPD, pH none, EVAPORATION, temperature 298K
;
_exptl_crystal_grow.pdbx_pH_range   none 
# 
_diffrn.id                     1 
_diffrn.ambient_temp           100 
_diffrn.ambient_temp_details   ? 
_diffrn.crystal_id             1 
# 
_diffrn_detector.diffrn_id              1 
_diffrn_detector.detector               PIXEL 
_diffrn_detector.type                   'DECTRIS PILATUS 6M-F' 
_diffrn_detector.pdbx_collection_date   2014-06-29 
_diffrn_detector.details                ? 
# 
_diffrn_radiation.diffrn_id                        1 
_diffrn_radiation.wavelength_id                    1 
_diffrn_radiation.pdbx_monochromatic_or_laue_m_l   M 
_diffrn_radiation.monochromator                    'Si(111)' 
_diffrn_radiation.pdbx_diffrn_protocol             'SINGLE WAVELENGTH' 
_diffrn_radiation.pdbx_scattering_type             x-ray 
# 
_diffrn_radiation_wavelength.id           1 
_diffrn_radiation_wavelength.wavelength   0.979200 
_diffrn_radiation_wavelength.wt           1.0 
# 
_diffrn_source.diffrn_id                   1 
_diffrn_source.source                      SYNCHROTRON 
_diffrn_source.type                        'APS BEAMLINE 24-ID-C' 
_diffrn_source.pdbx_synchrotron_site       APS 
_diffrn_source.pdbx_synchrotron_beamline   24-ID-C 
_diffrn_source.pdbx_wavelength             ? 
_diffrn_source.pdbx_wavelength_list        0.979200 
# 
_reflns.entry_id                     4RP0 
_reflns.observed_criterion_sigma_I   0 
_reflns.observed_criterion_sigma_F   0 
_reflns.d_resolution_low             34.79 
_reflns.d_resolution_high            2.19 
_reflns.number_obs                   2540 
_reflns.number_all                   ? 
_reflns.percent_possible_obs         ? 
_reflns.pdbx_Rmerge_I_obs            0.024 
_reflns.pdbx_Rsym_value              ? 
_reflns.pdbx_netI_over_sigmaI        31.2 
_reflns.B_iso_Wilson_estimate        ? 
_reflns.pdbx_redundancy              5.5 
_reflns.R_free_details               ? 
_reflns.limit_h_max                  ? 
_reflns.limit_h_min                  ? 
_reflns.limit_k_max                  ? 
_reflns.limit_k_min                  ? 
_reflns.limit_l_max                  ? 
_reflns.limit_l_min                  ? 
_reflns.observed_criterion_F_max     ? 
_reflns.observed_criterion_F_min     ? 
_reflns.pdbx_chi_squared             ? 
_reflns.pdbx_scaling_rejects         ? 
_reflns.pdbx_ordinal                 1 
_reflns.pdbx_diffrn_id               1 
# 
_reflns_shell.d_res_high             2.19 
_reflns_shell.d_res_low              2.31 
_reflns_shell.percent_possible_all   ? 
_reflns_shell.Rmerge_I_obs           1.369 
_reflns_shell.pdbx_Rsym_value        ? 
_reflns_shell.meanI_over_sigI_obs    1.1 
_reflns_shell.pdbx_redundancy        5.3 
_reflns_shell.percent_possible_obs   ? 
_reflns_shell.number_unique_all      375 
_reflns_shell.number_measured_all    ? 
_reflns_shell.number_measured_obs    ? 
_reflns_shell.number_unique_obs      ? 
_reflns_shell.pdbx_chi_squared       ? 
_reflns_shell.pdbx_ordinal           1 
_reflns_shell.pdbx_diffrn_id         1 
# 
_refine.entry_id                                 4RP0 
_refine.ls_number_reflns_obs                     2285 
_refine.ls_number_reflns_all                     ? 
_refine.pdbx_ls_sigma_I                          ? 
_refine.pdbx_ls_sigma_F                          . 
_refine.pdbx_data_cutoff_high_absF               ? 
_refine.pdbx_data_cutoff_low_absF                ? 
_refine.pdbx_data_cutoff_high_rms_absF           ? 
_refine.ls_d_res_low                             34.79 
_refine.ls_d_res_high                            2.19 
_refine.ls_percent_reflns_obs                    98.19 
_refine.ls_R_factor_obs                          0.22308 
_refine.ls_R_factor_all                          ? 
_refine.ls_R_factor_R_work                       0.22230 
_refine.ls_R_factor_R_free                       0.23105 
_refine.ls_R_factor_R_free_error                 ? 
_refine.ls_R_factor_R_free_error_details         ? 
_refine.ls_percent_reflns_R_free                 8.7 
_refine.ls_number_reflns_R_free                  217 
_refine.ls_number_parameters                     ? 
_refine.ls_number_restraints                     ? 
_refine.occupancy_min                            ? 
_refine.occupancy_max                            ? 
_refine.correlation_coeff_Fo_to_Fc               0.964 
_refine.correlation_coeff_Fo_to_Fc_free          0.962 
_refine.B_iso_mean                               97.421 
_refine.aniso_B[1][1]                            0.48 
_refine.aniso_B[2][2]                            0.48 
_refine.aniso_B[3][3]                            -1.55 
_refine.aniso_B[1][2]                            0.24 
_refine.aniso_B[1][3]                            -0.00 
_refine.aniso_B[2][3]                            0.00 
_refine.solvent_model_details                    MASK 
_refine.solvent_model_param_ksol                 ? 
_refine.solvent_model_param_bsol                 ? 
_refine.pdbx_solvent_vdw_probe_radii             1.00 
_refine.pdbx_solvent_ion_probe_radii             0.80 
_refine.pdbx_solvent_shrinkage_radii             0.80 
_refine.pdbx_ls_cross_valid_method               THROUGHOUT 
_refine.details                                  'HYDROGENS HAVE BEEN ADDED IN THE RIDING POSITIONS' 
_refine.pdbx_starting_model                      'PDB ENTRY 1p1y' 
_refine.pdbx_method_to_determine_struct          'MOLECULAR REPLACEMENT' 
_refine.pdbx_isotropic_thermal_model             ? 
_refine.pdbx_stereochemistry_target_values       'MAXIMUM LIKELIHOOD' 
_refine.pdbx_stereochem_target_val_spec_case     ? 
_refine.pdbx_R_Free_selection_details            RANDOM 
_refine.pdbx_overall_ESU_R                       0.228 
_refine.pdbx_overall_ESU_R_Free                  0.176 
_refine.overall_SU_ML                            0.187 
_refine.pdbx_overall_phase_error                 ? 
_refine.overall_SU_B                             19.527 
_refine.overall_SU_R_Cruickshank_DPI             ? 
_refine.ls_redundancy_reflns_obs                 ? 
_refine.B_iso_min                                ? 
_refine.B_iso_max                                ? 
_refine.overall_SU_R_free                        ? 
_refine.ls_wR_factor_R_free                      ? 
_refine.ls_wR_factor_R_work                      ? 
_refine.overall_FOM_free_R_set                   ? 
_refine.overall_FOM_work_R_set                   ? 
_refine.pdbx_diffrn_id                           1 
_refine.pdbx_refine_id                           'X-RAY DIFFRACTION' 
_refine.pdbx_TLS_residual_ADP_flag               ? 
_refine.pdbx_overall_SU_R_free_Cruickshank_DPI   ? 
_refine.pdbx_overall_SU_R_Blow_DPI               ? 
_refine.pdbx_overall_SU_R_free_Blow_DPI          ? 
# 
_refine_hist.pdbx_refine_id                   'X-RAY DIFFRACTION' 
_refine_hist.cycle_id                         LAST 
_refine_hist.pdbx_number_atoms_protein        0 
_refine_hist.pdbx_number_atoms_nucleic_acid   254 
_refine_hist.pdbx_number_atoms_ligand         1 
_refine_hist.number_atoms_solvent             2 
_refine_hist.number_atoms_total               257 
_refine_hist.d_res_high                       2.19 
_refine_hist.d_res_low                        34.79 
# 
loop_
_refine_ls_restr.type 
_refine_ls_restr.dev_ideal 
_refine_ls_restr.dev_ideal_target 
_refine_ls_restr.weight 
_refine_ls_restr.number 
_refine_ls_restr.pdbx_restraint_function 
_refine_ls_restr.pdbx_refine_id 
r_bond_refined_d             0.007  0.011  ? 286 ? 'X-RAY DIFFRACTION' 
r_bond_other_d               0.002  0.020  ? 136 ? 'X-RAY DIFFRACTION' 
r_angle_refined_deg          1.081  1.161  ? 442 ? 'X-RAY DIFFRACTION' 
r_angle_other_deg            1.705  3.000  ? 322 ? 'X-RAY DIFFRACTION' 
r_dihedral_angle_1_deg       ?      ?      ? ?   ? 'X-RAY DIFFRACTION' 
r_dihedral_angle_2_deg       ?      ?      ? ?   ? 'X-RAY DIFFRACTION' 
r_dihedral_angle_3_deg       ?      ?      ? ?   ? 'X-RAY DIFFRACTION' 
r_dihedral_angle_4_deg       ?      ?      ? ?   ? 'X-RAY DIFFRACTION' 
r_chiral_restr               0.077  0.200  ? 36  ? 'X-RAY DIFFRACTION' 
r_gen_planes_refined         0.009  0.020  ? 149 ? 'X-RAY DIFFRACTION' 
r_gen_planes_other           0.001  0.020  ? 58  ? 'X-RAY DIFFRACTION' 
r_nbd_refined                ?      ?      ? ?   ? 'X-RAY DIFFRACTION' 
r_nbd_other                  ?      ?      ? ?   ? 'X-RAY DIFFRACTION' 
r_nbtor_refined              ?      ?      ? ?   ? 'X-RAY DIFFRACTION' 
r_nbtor_other                ?      ?      ? ?   ? 'X-RAY DIFFRACTION' 
r_xyhbond_nbd_refined        ?      ?      ? ?   ? 'X-RAY DIFFRACTION' 
r_xyhbond_nbd_other          ?      ?      ? ?   ? 'X-RAY DIFFRACTION' 
r_metal_ion_refined          ?      ?      ? ?   ? 'X-RAY DIFFRACTION' 
r_metal_ion_other            ?      ?      ? ?   ? 'X-RAY DIFFRACTION' 
r_symmetry_vdw_refined       ?      ?      ? ?   ? 'X-RAY DIFFRACTION' 
r_symmetry_vdw_other         ?      ?      ? ?   ? 'X-RAY DIFFRACTION' 
r_symmetry_hbond_refined     ?      ?      ? ?   ? 'X-RAY DIFFRACTION' 
r_symmetry_hbond_other       ?      ?      ? ?   ? 'X-RAY DIFFRACTION' 
r_symmetry_metal_ion_refined ?      ?      ? ?   ? 'X-RAY DIFFRACTION' 
r_symmetry_metal_ion_other   ?      ?      ? ?   ? 'X-RAY DIFFRACTION' 
r_mcbond_it                  ?      ?      ? ?   ? 'X-RAY DIFFRACTION' 
r_mcbond_other               ?      ?      ? ?   ? 'X-RAY DIFFRACTION' 
r_mcangle_it                 ?      ?      ? ?   ? 'X-RAY DIFFRACTION' 
r_mcangle_other              ?      ?      ? ?   ? 'X-RAY DIFFRACTION' 
r_scbond_it                  4.685  6.730  ? 286 ? 'X-RAY DIFFRACTION' 
r_scbond_other               4.699  6.696  ? 284 ? 'X-RAY DIFFRACTION' 
r_scangle_it                 ?      ?      ? ?   ? 'X-RAY DIFFRACTION' 
r_scangle_other              8.173  10.134 ? 439 ? 'X-RAY DIFFRACTION' 
r_long_range_B_refined       10.755 62.391 ? 419 ? 'X-RAY DIFFRACTION' 
r_long_range_B_other         10.743 62.348 ? 420 ? 'X-RAY DIFFRACTION' 
r_rigid_bond_restr           ?      ?      ? ?   ? 'X-RAY DIFFRACTION' 
r_sphericity_free            ?      ?      ? ?   ? 'X-RAY DIFFRACTION' 
r_sphericity_bonded          ?      ?      ? ?   ? 'X-RAY DIFFRACTION' 
# 
_refine_ls_shell.pdbx_total_number_of_bins_used   20 
_refine_ls_shell.d_res_high                       2.190 
_refine_ls_shell.d_res_low                        2.246 
_refine_ls_shell.number_reflns_R_work             148 
_refine_ls_shell.R_factor_R_work                  0.503 
_refine_ls_shell.percent_reflns_obs               85.26 
_refine_ls_shell.R_factor_R_free                  0.240 
_refine_ls_shell.R_factor_R_free_error            ? 
_refine_ls_shell.percent_reflns_R_free            ? 
_refine_ls_shell.number_reflns_R_free             14 
_refine_ls_shell.number_reflns_all                ? 
_refine_ls_shell.R_factor_all                     ? 
_refine_ls_shell.number_reflns_obs                ? 
_refine_ls_shell.redundancy_reflns_obs            ? 
_refine_ls_shell.pdbx_refine_id                   'X-RAY DIFFRACTION' 
# 
_struct.entry_id                  4RP0 
_struct.title                     'Sequence and structure of a self-assembled 3-D DNA crystal: D(GGATAATTAGGAG)' 
_struct.pdbx_model_details        ? 
_struct.pdbx_CASP_flag            ? 
_struct.pdbx_model_type_details   ? 
# 
_struct_keywords.entry_id        4RP0 
_struct_keywords.pdbx_keywords   DNA 
_struct_keywords.text            'Self-assembling 3D DNA crystal, DNA' 
# 
loop_
_struct_asym.id 
_struct_asym.pdbx_blank_PDB_chainid_flag 
_struct_asym.pdbx_modified 
_struct_asym.entity_id 
_struct_asym.details 
A N N 1 ? 
B N N 2 ? 
C N N 3 ? 
# 
_struct_biol.id        1 
_struct_biol.details   ? 
# 
loop_
_struct_conn.id 
_struct_conn.conn_type_id 
_struct_conn.pdbx_leaving_atom_flag 
_struct_conn.pdbx_PDB_id 
_struct_conn.ptnr1_label_asym_id 
_struct_conn.ptnr1_label_comp_id 
_struct_conn.ptnr1_label_seq_id 
_struct_conn.ptnr1_label_atom_id 
_struct_conn.pdbx_ptnr1_label_alt_id 
_struct_conn.pdbx_ptnr1_PDB_ins_code 
_struct_conn.pdbx_ptnr1_standard_comp_id 
_struct_conn.ptnr1_symmetry 
_struct_conn.ptnr2_label_asym_id 
_struct_conn.ptnr2_label_comp_id 
_struct_conn.ptnr2_label_seq_id 
_struct_conn.ptnr2_label_atom_id 
_struct_conn.pdbx_ptnr2_label_alt_id 
_struct_conn.pdbx_ptnr2_PDB_ins_code 
_struct_conn.ptnr1_auth_asym_id 
_struct_conn.ptnr1_auth_comp_id 
_struct_conn.ptnr1_auth_seq_id 
_struct_conn.ptnr2_auth_asym_id 
_struct_conn.ptnr2_auth_comp_id 
_struct_conn.ptnr2_auth_seq_id 
_struct_conn.ptnr2_symmetry 
_struct_conn.pdbx_ptnr3_label_atom_id 
_struct_conn.pdbx_ptnr3_label_seq_id 
_struct_conn.pdbx_ptnr3_label_comp_id 
_struct_conn.pdbx_ptnr3_label_asym_id 
_struct_conn.pdbx_ptnr3_label_alt_id 
_struct_conn.pdbx_ptnr3_PDB_ins_code 
_struct_conn.details 
_struct_conn.pdbx_dist_value 
_struct_conn.pdbx_value_order 
_struct_conn.pdbx_role 
hydrog1  hydrog ? ? A DT 4 N3 ? ? ? 1_555 A DA 9 N1 ? ? A DT 4 A DA 9 4_545 ? ? ? ? ? ? WATSON-CRICK ? ? ? 
hydrog2  hydrog ? ? A DT 4 O4 ? ? ? 1_555 A DA 9 N6 ? ? A DT 4 A DA 9 4_545 ? ? ? ? ? ? WATSON-CRICK ? ? ? 
hydrog3  hydrog ? ? A DA 5 N1 ? ? ? 1_555 A DT 8 N3 ? ? A DA 5 A DT 8 4_545 ? ? ? ? ? ? WATSON-CRICK ? ? ? 
hydrog4  hydrog ? ? A DA 5 N6 ? ? ? 1_555 A DT 8 O4 ? ? A DA 5 A DT 8 4_545 ? ? ? ? ? ? WATSON-CRICK ? ? ? 
hydrog5  hydrog ? ? A DA 6 N1 ? ? ? 1_555 A DT 7 N3 ? ? A DA 6 A DT 7 4_545 ? ? ? ? ? ? WATSON-CRICK ? ? ? 
hydrog6  hydrog ? ? A DA 6 N6 ? ? ? 1_555 A DT 7 O4 ? ? A DA 6 A DT 7 4_545 ? ? ? ? ? ? WATSON-CRICK ? ? ? 
hydrog7  hydrog ? ? A DT 7 N3 ? ? ? 1_555 A DA 6 N1 ? ? A DT 7 A DA 6 4_545 ? ? ? ? ? ? WATSON-CRICK ? ? ? 
hydrog8  hydrog ? ? A DT 7 O4 ? ? ? 1_555 A DA 6 N6 ? ? A DT 7 A DA 6 4_545 ? ? ? ? ? ? WATSON-CRICK ? ? ? 
hydrog9  hydrog ? ? A DT 8 N3 ? ? ? 1_555 A DA 5 N1 ? ? A DT 8 A DA 5 4_545 ? ? ? ? ? ? WATSON-CRICK ? ? ? 
hydrog10 hydrog ? ? A DT 8 O4 ? ? ? 1_555 A DA 5 N6 ? ? A DT 8 A DA 5 4_545 ? ? ? ? ? ? WATSON-CRICK ? ? ? 
hydrog11 hydrog ? ? A DA 9 N1 ? ? ? 1_555 A DT 4 N3 ? ? A DA 9 A DT 4 4_545 ? ? ? ? ? ? WATSON-CRICK ? ? ? 
hydrog12 hydrog ? ? A DA 9 N6 ? ? ? 1_555 A DT 4 O4 ? ? A DA 9 A DT 4 4_545 ? ? ? ? ? ? WATSON-CRICK ? ? ? 
# 
_struct_conn_type.id          hydrog 
_struct_conn_type.criteria    ? 
_struct_conn_type.reference   ? 
# 
_struct_site.id                   AC1 
_struct_site.pdbx_evidence_code   Software 
_struct_site.pdbx_auth_asym_id    A 
_struct_site.pdbx_auth_comp_id    MG 
_struct_site.pdbx_auth_seq_id     101 
_struct_site.pdbx_auth_ins_code   ? 
_struct_site.pdbx_num_residues    1 
_struct_site.details              'BINDING SITE FOR RESIDUE MG A 101' 
# 
_struct_site_gen.id                   1 
_struct_site_gen.site_id              AC1 
_struct_site_gen.pdbx_num_res         1 
_struct_site_gen.label_comp_id        DA 
_struct_site_gen.label_asym_id        A 
_struct_site_gen.label_seq_id         12 
_struct_site_gen.pdbx_auth_ins_code   ? 
_struct_site_gen.auth_comp_id         DA 
_struct_site_gen.auth_asym_id         A 
_struct_site_gen.auth_seq_id          12 
_struct_site_gen.label_atom_id        . 
_struct_site_gen.label_alt_id         ? 
_struct_site_gen.symmetry             2_545 
_struct_site_gen.details              ? 
# 
_atom_sites.entry_id                    4RP0 
_atom_sites.fract_transf_matrix[1][1]   -0.01238243 
_atom_sites.fract_transf_matrix[1][2]   0.02361596 
_atom_sites.fract_transf_matrix[1][3]   -0.01072245 
_atom_sites.fract_transf_matrix[2][1]   -0.02684933 
_atom_sites.fract_transf_matrix[2][2]   0.00686653 
_atom_sites.fract_transf_matrix[2][3]   0.00761262 
_atom_sites.fract_transf_matrix[3][1]   0.00668213 
_atom_sites.fract_transf_matrix[3][2]   0.01007712 
_atom_sites.fract_transf_matrix[3][3]   0.01447804 
_atom_sites.fract_transf_vector[1]      0.064636 
_atom_sites.fract_transf_vector[2]      -0.418698 
_atom_sites.fract_transf_vector[3]      -0.225532 
# 
loop_
_atom_type.symbol 
C  
MG 
N  
O  
P  
# 
loop_
_atom_site.group_PDB 
_atom_site.id 
_atom_site.type_symbol 
_atom_site.label_atom_id 
_atom_site.label_alt_id 
_atom_site.label_comp_id 
_atom_site.label_asym_id 
_atom_site.label_entity_id 
_atom_site.label_seq_id 
_atom_site.pdbx_PDB_ins_code 
_atom_site.Cartn_x 
_atom_site.Cartn_y 
_atom_site.Cartn_z 
_atom_site.occupancy 
_atom_site.B_iso_or_equiv 
_atom_site.pdbx_formal_charge 
_atom_site.auth_seq_id 
_atom_site.auth_comp_id 
_atom_site.auth_asym_id 
_atom_site.auth_atom_id 
_atom_site.pdbx_PDB_model_num 
ATOM   1   O  "O5'" . DG  A 1 1  ? 14.268  0.625  18.459  1.00 103.63 ? 1   DG  A "O5'" 1 
ATOM   2   C  "C5'" . DG  A 1 1  ? 13.908  -0.751 18.727  1.00 100.98 ? 1   DG  A "C5'" 1 
ATOM   3   C  "C4'" . DG  A 1 1  ? 13.695  -1.522 17.443  1.00 98.14  ? 1   DG  A "C4'" 1 
ATOM   4   O  "O4'" . DG  A 1 1  ? 12.307  -1.934 17.334  1.00 92.22  ? 1   DG  A "O4'" 1 
ATOM   5   C  "C3'" . DG  A 1 1  ? 13.982  -0.730 16.170  1.00 97.12  ? 1   DG  A "C3'" 1 
ATOM   6   O  "O3'" . DG  A 1 1  ? 14.443  -1.606 15.133  1.00 105.76 ? 1   DG  A "O3'" 1 
ATOM   7   C  "C2'" . DG  A 1 1  ? 12.622  -0.146 15.847  1.00 89.98  ? 1   DG  A "C2'" 1 
ATOM   8   C  "C1'" . DG  A 1 1  ? 11.705  -1.302 16.205  1.00 85.88  ? 1   DG  A "C1'" 1 
ATOM   9   N  N9    . DG  A 1 1  ? 10.359  -0.887 16.580  1.00 77.65  ? 1   DG  A N9    1 
ATOM   10  C  C8    . DG  A 1 1  ? 9.177   -1.227 15.967  1.00 76.30  ? 1   DG  A C8    1 
ATOM   11  N  N7    . DG  A 1 1  ? 8.131   -0.690 16.539  1.00 72.73  ? 1   DG  A N7    1 
ATOM   12  C  C5    . DG  A 1 1  ? 8.658   0.059  17.582  1.00 72.62  ? 1   DG  A C5    1 
ATOM   13  C  C6    . DG  A 1 1  ? 8.011   0.879  18.545  1.00 75.27  ? 1   DG  A C6    1 
ATOM   14  O  O6    . DG  A 1 1  ? 6.800   1.112  18.674  1.00 77.96  ? 1   DG  A O6    1 
ATOM   15  N  N1    . DG  A 1 1  ? 8.922   1.448  19.428  1.00 75.37  ? 1   DG  A N1    1 
ATOM   16  C  C2    . DG  A 1 1  ? 10.285  1.269  19.378  1.00 81.17  ? 1   DG  A C2    1 
ATOM   17  N  N2    . DG  A 1 1  ? 11.005  1.905  20.316  1.00 87.23  ? 1   DG  A N2    1 
ATOM   18  N  N3    . DG  A 1 1  ? 10.900  0.523  18.474  1.00 78.63  ? 1   DG  A N3    1 
ATOM   19  C  C4    . DG  A 1 1  ? 10.031  -0.044 17.613  1.00 75.40  ? 1   DG  A C4    1 
ATOM   20  P  P     . DG  A 1 2  ? 14.923  -1.009 13.708  1.00 108.48 ? 2   DG  A P     1 
ATOM   21  O  OP1   . DG  A 1 2  ? 15.557  -2.113 12.923  1.00 111.14 ? 2   DG  A OP1   1 
ATOM   22  O  OP2   . DG  A 1 2  ? 15.666  0.266  13.962  1.00 110.04 ? 2   DG  A OP2   1 
ATOM   23  O  "O5'" . DG  A 1 2  ? 13.557  -0.604 12.995  1.00 97.43  ? 2   DG  A "O5'" 1 
ATOM   24  C  "C5'" . DG  A 1 2  ? 12.590  -1.578 12.564  1.00 90.53  ? 2   DG  A "C5'" 1 
ATOM   25  C  "C4'" . DG  A 1 2  ? 11.437  -0.839 11.932  1.00 85.20  ? 2   DG  A "C4'" 1 
ATOM   26  O  "O4'" . DG  A 1 2  ? 10.650  -0.198 12.964  1.00 78.94  ? 2   DG  A "O4'" 1 
ATOM   27  C  "C3'" . DG  A 1 2  ? 11.888  0.290  10.993  1.00 83.60  ? 2   DG  A "C3'" 1 
ATOM   28  O  "O3'" . DG  A 1 2  ? 10.981  0.446  9.903   1.00 84.14  ? 2   DG  A "O3'" 1 
ATOM   29  C  "C2'" . DG  A 1 2  ? 11.768  1.528  11.850  1.00 79.49  ? 2   DG  A "C2'" 1 
ATOM   30  C  "C1'" . DG  A 1 2  ? 10.523  1.174  12.629  1.00 74.95  ? 2   DG  A "C1'" 1 
ATOM   31  N  N9    . DG  A 1 2  ? 10.369  1.928  13.856  1.00 68.35  ? 2   DG  A N9    1 
ATOM   32  C  C8    . DG  A 1 2  ? 11.352  2.518  14.613  1.00 68.57  ? 2   DG  A C8    1 
ATOM   33  N  N7    . DG  A 1 2  ? 10.883  3.156  15.649  1.00 69.41  ? 2   DG  A N7    1 
ATOM   34  C  C5    . DG  A 1 2  ? 9.505   3.011  15.546  1.00 65.34  ? 2   DG  A C5    1 
ATOM   35  C  C6    . DG  A 1 2  ? 8.464   3.500  16.378  1.00 69.31  ? 2   DG  A C6    1 
ATOM   36  O  O6    . DG  A 1 2  ? 8.555   4.193  17.404  1.00 77.47  ? 2   DG  A O6    1 
ATOM   37  N  N1    . DG  A 1 2  ? 7.211   3.097  15.920  1.00 65.32  ? 2   DG  A N1    1 
ATOM   38  C  C2    . DG  A 1 2  ? 6.987   2.359  14.784  1.00 62.82  ? 2   DG  A C2    1 
ATOM   39  N  N2    . DG  A 1 2  ? 5.707   2.081  14.505  1.00 64.74  ? 2   DG  A N2    1 
ATOM   40  N  N3    . DG  A 1 2  ? 7.949   1.898  14.000  1.00 61.56  ? 2   DG  A N3    1 
ATOM   41  C  C4    . DG  A 1 2  ? 9.175   2.247  14.449  1.00 63.76  ? 2   DG  A C4    1 
ATOM   42  P  P     . DA  A 1 3  ? 11.526  0.435  8.410   1.00 88.64  ? 3   DA  A P     1 
ATOM   43  O  OP1   . DA  A 1 3  ? 12.970  0.032  8.424   1.00 91.54  ? 3   DA  A OP1   1 
ATOM   44  O  OP2   . DA  A 1 3  ? 11.134  1.735  7.772   1.00 97.58  ? 3   DA  A OP2   1 
ATOM   45  O  "O5'" . DA  A 1 3  ? 10.663  -0.735 7.763   1.00 86.69  ? 3   DA  A "O5'" 1 
ATOM   46  C  "C5'" . DA  A 1 3  ? 9.464   -1.200 8.403   1.00 86.33  ? 3   DA  A "C5'" 1 
ATOM   47  C  "C4'" . DA  A 1 3  ? 8.437   -1.606 7.372   1.00 86.74  ? 3   DA  A "C4'" 1 
ATOM   48  O  "O4'" . DA  A 1 3  ? 7.193   -0.944 7.677   1.00 85.30  ? 3   DA  A "O4'" 1 
ATOM   49  C  "C3'" . DA  A 1 3  ? 8.727   -1.187 5.938   1.00 90.73  ? 3   DA  A "C3'" 1 
ATOM   50  O  "O3'" . DA  A 1 3  ? 7.888   -1.953 5.040   1.00 100.16 ? 3   DA  A "O3'" 1 
ATOM   51  C  "C2'" . DA  A 1 3  ? 8.295   0.274  5.966   1.00 85.55  ? 3   DA  A "C2'" 1 
ATOM   52  C  "C1'" . DA  A 1 3  ? 7.060   0.229  6.867   1.00 81.10  ? 3   DA  A "C1'" 1 
ATOM   53  N  N9    . DA  A 1 3  ? 6.834   1.359  7.773   1.00 76.87  ? 3   DA  A N9    1 
ATOM   54  C  C8    . DA  A 1 3  ? 7.684   1.873  8.724   1.00 77.37  ? 3   DA  A C8    1 
ATOM   55  N  N7    . DA  A 1 3  ? 7.156   2.838  9.437   1.00 76.29  ? 3   DA  A N7    1 
ATOM   56  C  C5    . DA  A 1 3  ? 5.864   2.953  8.939   1.00 73.77  ? 3   DA  A C5    1 
ATOM   57  C  C6    . DA  A 1 3  ? 4.789   3.803  9.272   1.00 72.42  ? 3   DA  A C6    1 
ATOM   58  N  N6    . DA  A 1 3  ? 4.852   4.734  10.224  1.00 74.67  ? 3   DA  A N6    1 
ATOM   59  N  N1    . DA  A 1 3  ? 3.628   3.647  8.597   1.00 73.05  ? 3   DA  A N1    1 
ATOM   60  C  C2    . DA  A 1 3  ? 3.566   2.713  7.641   1.00 74.40  ? 3   DA  A C2    1 
ATOM   61  N  N3    . DA  A 1 3  ? 4.507   1.854  7.236   1.00 76.44  ? 3   DA  A N3    1 
ATOM   62  C  C4    . DA  A 1 3  ? 5.643   2.028  7.936   1.00 74.08  ? 3   DA  A C4    1 
ATOM   63  P  P     . DT  A 1 4  ? 8.358   -3.393 4.366   1.00 100.70 ? 4   DT  A P     1 
ATOM   64  O  OP1   . DT  A 1 4  ? 7.116   -4.068 3.853   1.00 100.52 ? 4   DT  A OP1   1 
ATOM   65  O  OP2   . DT  A 1 4  ? 9.234   -4.121 5.344   1.00 104.37 ? 4   DT  A OP2   1 
ATOM   66  O  "O5'" . DT  A 1 4  ? 9.229   -2.948 3.098   1.00 101.29 ? 4   DT  A "O5'" 1 
ATOM   67  C  "C5'" . DT  A 1 4  ? 10.673  -2.976 3.150   1.00 107.88 ? 4   DT  A "C5'" 1 
ATOM   68  C  "C4'" . DT  A 1 4  ? 11.290  -2.844 1.774   1.00 110.57 ? 4   DT  A "C4'" 1 
ATOM   69  O  "O4'" . DT  A 1 4  ? 11.313  -4.124 1.088   1.00 107.44 ? 4   DT  A "O4'" 1 
ATOM   70  C  "C3'" . DT  A 1 4  ? 10.611  -1.857 0.824   1.00 108.12 ? 4   DT  A "C3'" 1 
ATOM   71  O  "O3'" . DT  A 1 4  ? 11.602  -1.097 0.108   1.00 119.97 ? 4   DT  A "O3'" 1 
ATOM   72  C  "C2'" . DT  A 1 4  ? 9.817   -2.755 -0.106  1.00 104.58 ? 4   DT  A "C2'" 1 
ATOM   73  C  "C1'" . DT  A 1 4  ? 10.594  -4.062 -0.133  1.00 100.98 ? 4   DT  A "C1'" 1 
ATOM   74  N  N1    . DT  A 1 4  ? 9.711   -5.233 -0.183  1.00 91.26  ? 4   DT  A N1    1 
ATOM   75  C  C2    . DT  A 1 4  ? 9.549   -5.924 -1.362  1.00 91.02  ? 4   DT  A C2    1 
ATOM   76  O  O2    . DT  A 1 4  ? 10.132  -5.633 -2.399  1.00 90.43  ? 4   DT  A O2    1 
ATOM   77  N  N3    . DT  A 1 4  ? 8.683   -6.988 -1.280  1.00 90.58  ? 4   DT  A N3    1 
ATOM   78  C  C4    . DT  A 1 4  ? 7.992   -7.420 -0.161  1.00 87.00  ? 4   DT  A C4    1 
ATOM   79  O  O4    . DT  A 1 4  ? 7.258   -8.402 -0.233  1.00 92.90  ? 4   DT  A O4    1 
ATOM   80  C  C5    . DT  A 1 4  ? 8.211   -6.648 1.032   1.00 83.45  ? 4   DT  A C5    1 
ATOM   81  C  C7    . DT  A 1 4  ? 7.511   -7.047 2.293   1.00 83.33  ? 4   DT  A C7    1 
ATOM   82  C  C6    . DT  A 1 4  ? 9.040   -5.603 0.961   1.00 85.82  ? 4   DT  A C6    1 
ATOM   83  P  P     . DA  A 1 5  ? 11.259  0.351  -0.529  1.00 121.01 ? 5   DA  A P     1 
ATOM   84  O  OP1   . DA  A 1 5  ? 12.528  1.143  -0.553  1.00 129.41 ? 5   DA  A OP1   1 
ATOM   85  O  OP2   . DA  A 1 5  ? 10.032  0.903  0.142   1.00 122.02 ? 5   DA  A OP2   1 
ATOM   86  O  "O5'" . DA  A 1 5  ? 10.848  -0.003 -2.026  1.00 120.35 ? 5   DA  A "O5'" 1 
ATOM   87  C  "C5'" . DA  A 1 5  ? 11.761  -0.629 -2.951  1.00 124.51 ? 5   DA  A "C5'" 1 
ATOM   88  C  "C4'" . DA  A 1 5  ? 11.082  -0.814 -4.290  1.00 126.35 ? 5   DA  A "C4'" 1 
ATOM   89  O  "O4'" . DA  A 1 5  ? 10.162  -1.933 -4.215  1.00 122.60 ? 5   DA  A "O4'" 1 
ATOM   90  C  "C3'" . DA  A 1 5  ? 10.244  0.378  -4.763  1.00 127.34 ? 5   DA  A "C3'" 1 
ATOM   91  O  "O3'" . DA  A 1 5  ? 10.367  0.524  -6.193  1.00 141.18 ? 5   DA  A "O3'" 1 
ATOM   92  C  "C2'" . DA  A 1 5  ? 8.846   0.036  -4.265  1.00 119.07 ? 5   DA  A "C2'" 1 
ATOM   93  C  "C1'" . DA  A 1 5  ? 8.812   -1.487 -4.365  1.00 112.82 ? 5   DA  A "C1'" 1 
ATOM   94  N  N9    . DA  A 1 5  ? 7.983   -2.186 -3.374  1.00 97.27  ? 5   DA  A N9    1 
ATOM   95  C  C8    . DA  A 1 5  ? 7.695   -1.833 -2.076  1.00 89.98  ? 5   DA  A C8    1 
ATOM   96  N  N7    . DA  A 1 5  ? 6.928   -2.695 -1.452  1.00 83.78  ? 5   DA  A N7    1 
ATOM   97  C  C5    . DA  A 1 5  ? 6.693   -3.679 -2.401  1.00 82.81  ? 5   DA  A C5    1 
ATOM   98  C  C6    . DA  A 1 5  ? 5.958   -4.874 -2.358  1.00 80.41  ? 5   DA  A C6    1 
ATOM   99  N  N6    . DA  A 1 5  ? 5.283   -5.285 -1.282  1.00 79.51  ? 5   DA  A N6    1 
ATOM   100 N  N1    . DA  A 1 5  ? 5.892   -5.612 -3.488  1.00 83.08  ? 5   DA  A N1    1 
ATOM   101 C  C2    . DA  A 1 5  ? 6.572   -5.197 -4.567  1.00 89.48  ? 5   DA  A C2    1 
ATOM   102 N  N3    . DA  A 1 5  ? 7.330   -4.111 -4.718  1.00 89.56  ? 5   DA  A N3    1 
ATOM   103 C  C4    . DA  A 1 5  ? 7.332   -3.377 -3.590  1.00 88.77  ? 5   DA  A C4    1 
ATOM   104 P  P     . DA  A 1 6  ? 9.545   1.667  -7.025  1.00 145.04 ? 6   DA  A P     1 
ATOM   105 O  OP1   . DA  A 1 6  ? 10.462  2.171  -8.099  1.00 149.72 ? 6   DA  A OP1   1 
ATOM   106 O  OP2   . DA  A 1 6  ? 8.909   2.622  -6.066  1.00 137.46 ? 6   DA  A OP2   1 
ATOM   107 O  "O5'" . DA  A 1 6  ? 8.329   0.848  -7.659  1.00 138.67 ? 6   DA  A "O5'" 1 
ATOM   108 C  "C5'" . DA  A 1 6  ? 8.556   -0.423 -8.315  1.00 138.34 ? 6   DA  A "C5'" 1 
ATOM   109 C  "C4'" . DA  A 1 6  ? 7.255   -1.031 -8.785  1.00 132.36 ? 6   DA  A "C4'" 1 
ATOM   110 O  "O4'" . DA  A 1 6  ? 6.626   -1.751 -7.697  1.00 122.43 ? 6   DA  A "O4'" 1 
ATOM   111 C  "C3'" . DA  A 1 6  ? 6.208   -0.036 -9.294  1.00 129.31 ? 6   DA  A "C3'" 1 
ATOM   112 O  "O3'" . DA  A 1 6  ? 5.629   -0.575 -10.492 1.00 140.86 ? 6   DA  A "O3'" 1 
ATOM   113 C  "C2'" . DA  A 1 6  ? 5.247   0.085  -8.123  1.00 118.91 ? 6   DA  A "C2'" 1 
ATOM   114 C  "C1'" . DA  A 1 6  ? 5.284   -1.323 -7.563  1.00 111.39 ? 6   DA  A "C1'" 1 
ATOM   115 N  N9    . DA  A 1 6  ? 4.909   -1.446 -6.156  1.00 95.39  ? 6   DA  A N9    1 
ATOM   116 C  C8    . DA  A 1 6  ? 5.202   -0.609 -5.109  1.00 88.44  ? 6   DA  A C8    1 
ATOM   117 N  N7    . DA  A 1 6  ? 4.709   -1.009 -3.962  1.00 84.40  ? 6   DA  A N7    1 
ATOM   118 C  C5    . DA  A 1 6  ? 4.055   -2.194 -4.275  1.00 82.16  ? 6   DA  A C5    1 
ATOM   119 C  C6    . DA  A 1 6  ? 3.329   -3.111 -3.492  1.00 79.26  ? 6   DA  A C6    1 
ATOM   120 N  N6    . DA  A 1 6  ? 3.133   -2.969 -2.179  1.00 78.01  ? 6   DA  A N6    1 
ATOM   121 N  N1    . DA  A 1 6  ? 2.808   -4.193 -4.113  1.00 78.51  ? 6   DA  A N1    1 
ATOM   122 C  C2    . DA  A 1 6  ? 3.001   -4.330 -5.431  1.00 82.70  ? 6   DA  A C2    1 
ATOM   123 N  N3    . DA  A 1 6  ? 3.671   -3.542 -6.271  1.00 85.82  ? 6   DA  A N3    1 
ATOM   124 C  C4    . DA  A 1 6  ? 4.171   -2.474 -5.622  1.00 86.36  ? 6   DA  A C4    1 
ATOM   125 P  P     . DT  A 1 7  ? 4.406   0.168  -11.237 1.00 143.66 ? 7   DT  A P     1 
ATOM   126 O  OP1   . DT  A 1 7  ? 4.679   0.118  -12.699 1.00 149.71 ? 7   DT  A OP1   1 
ATOM   127 O  OP2   . DT  A 1 7  ? 4.170   1.485  -10.574 1.00 143.35 ? 7   DT  A OP2   1 
ATOM   128 O  "O5'" . DT  A 1 7  ? 3.163   -0.775 -10.903 1.00 134.06 ? 7   DT  A "O5'" 1 
ATOM   129 C  "C5'" . DT  A 1 7  ? 3.256   -2.211 -11.031 1.00 129.91 ? 7   DT  A "C5'" 1 
ATOM   130 C  "C4'" . DT  A 1 7  ? 2.004   -2.867 -10.495 1.00 123.84 ? 7   DT  A "C4'" 1 
ATOM   131 O  "O4'" . DT  A 1 7  ? 1.997   -2.802 -9.048  1.00 114.73 ? 7   DT  A "O4'" 1 
ATOM   132 C  "C3'" . DT  A 1 7  ? 0.692   -2.221 -10.961 1.00 125.29 ? 7   DT  A "C3'" 1 
ATOM   133 O  "O3'" . DT  A 1 7  ? -0.148  -3.215 -11.581 1.00 135.61 ? 7   DT  A "O3'" 1 
ATOM   134 C  "C2'" . DT  A 1 7  ? 0.129   -1.577 -9.701  1.00 114.81 ? 7   DT  A "C2'" 1 
ATOM   135 C  "C1'" . DT  A 1 7  ? 0.696   -2.455 -8.603  1.00 106.69 ? 7   DT  A "C1'" 1 
ATOM   136 N  N1    . DT  A 1 7  ? 0.822   -1.808 -7.284  1.00 92.48  ? 7   DT  A N1    1 
ATOM   137 C  C2    . DT  A 1 7  ? 0.259   -2.424 -6.186  1.00 87.40  ? 7   DT  A C2    1 
ATOM   138 O  O2    . DT  A 1 7  ? -0.346  -3.482 -6.247  1.00 87.20  ? 7   DT  A O2    1 
ATOM   139 N  N3    . DT  A 1 7  ? 0.444   -1.755 -5.001  1.00 83.32  ? 7   DT  A N3    1 
ATOM   140 C  C4    . DT  A 1 7  ? 1.118   -0.562 -4.811  1.00 85.51  ? 7   DT  A C4    1 
ATOM   141 O  O4    . DT  A 1 7  ? 1.201   -0.080 -3.681  1.00 83.51  ? 7   DT  A O4    1 
ATOM   142 C  C5    . DT  A 1 7  ? 1.686   0.024  -6.007  1.00 86.54  ? 7   DT  A C5    1 
ATOM   143 C  C7    . DT  A 1 7  ? 2.433   1.316  -5.901  1.00 88.09  ? 7   DT  A C7    1 
ATOM   144 C  C6    . DT  A 1 7  ? 1.516   -0.624 -7.165  1.00 88.40  ? 7   DT  A C6    1 
ATOM   145 P  P     . DT  A 1 8  ? -1.649  -2.854 -12.079 1.00 139.22 ? 8   DT  A P     1 
ATOM   146 O  OP1   . DT  A 1 8  ? -1.975  -3.725 -13.247 1.00 146.52 ? 8   DT  A OP1   1 
ATOM   147 O  OP2   . DT  A 1 8  ? -1.793  -1.365 -12.168 1.00 131.19 ? 8   DT  A OP2   1 
ATOM   148 O  "O5'" . DT  A 1 8  ? -2.540  -3.368 -10.869 1.00 130.73 ? 8   DT  A "O5'" 1 
ATOM   149 C  "C5'" . DT  A 1 8  ? -2.329  -4.666 -10.289 1.00 128.48 ? 8   DT  A "C5'" 1 
ATOM   150 C  "C4'" . DT  A 1 8  ? -3.450  -4.910 -9.311  1.00 123.42 ? 8   DT  A "C4'" 1 
ATOM   151 O  "O4'" . DT  A 1 8  ? -3.132  -4.262 -8.054  1.00 113.70 ? 8   DT  A "O4'" 1 
ATOM   152 C  "C3'" . DT  A 1 8  ? -4.765  -4.296 -9.791  1.00 123.08 ? 8   DT  A "C3'" 1 
ATOM   153 O  "O3'" . DT  A 1 8  ? -5.826  -5.247 -9.683  1.00 134.56 ? 8   DT  A "O3'" 1 
ATOM   154 C  "C2'" . DT  A 1 8  ? -4.893  -3.023 -8.969  1.00 114.32 ? 8   DT  A "C2'" 1 
ATOM   155 C  "C1'" . DT  A 1 8  ? -4.175  -3.378 -7.684  1.00 107.81 ? 8   DT  A "C1'" 1 
ATOM   156 N  N1    . DT  A 1 8  ? -3.573  -2.236 -6.964  1.00 95.71  ? 8   DT  A N1    1 
ATOM   157 C  C2    . DT  A 1 8  ? -3.702  -2.199 -5.594  1.00 90.83  ? 8   DT  A C2    1 
ATOM   158 O  O2    . DT  A 1 8  ? -4.281  -3.065 -4.953  1.00 96.09  ? 8   DT  A O2    1 
ATOM   159 N  N3    . DT  A 1 8  ? -3.123  -1.107 -4.997  1.00 82.59  ? 8   DT  A N3    1 
ATOM   160 C  C4    . DT  A 1 8  ? -2.442  -0.078 -5.617  1.00 82.03  ? 8   DT  A C4    1 
ATOM   161 O  O4    . DT  A 1 8  ? -1.959  0.830  -4.942  1.00 81.47  ? 8   DT  A O4    1 
ATOM   162 C  C5    . DT  A 1 8  ? -2.347  -0.181 -7.056  1.00 84.76  ? 8   DT  A C5    1 
ATOM   163 C  C7    . DT  A 1 8  ? -1.622  0.885  -7.816  1.00 85.21  ? 8   DT  A C7    1 
ATOM   164 C  C6    . DT  A 1 8  ? -2.912  -1.239 -7.649  1.00 89.91  ? 8   DT  A C6    1 
ATOM   165 P  P     . DA  A 1 9  ? -7.347  -4.767 -9.819  1.00 138.04 ? 9   DA  A P     1 
ATOM   166 O  OP1   . DA  A 1 9  ? -8.168  -5.948 -10.206 1.00 147.41 ? 9   DA  A OP1   1 
ATOM   167 O  OP2   . DA  A 1 9  ? -7.381  -3.541 -10.672 1.00 137.58 ? 9   DA  A OP2   1 
ATOM   168 O  "O5'" . DA  A 1 9  ? -7.680  -4.381 -8.313  1.00 133.76 ? 9   DA  A "O5'" 1 
ATOM   169 C  "C5'" . DA  A 1 9  ? -7.395  -5.301 -7.236  1.00 129.92 ? 9   DA  A "C5'" 1 
ATOM   170 C  "C4'" . DA  A 1 9  ? -8.410  -5.093 -6.139  1.00 125.82 ? 9   DA  A "C4'" 1 
ATOM   171 O  "O4'" . DA  A 1 9  ? -7.967  -3.998 -5.306  1.00 117.17 ? 9   DA  A "O4'" 1 
ATOM   172 C  "C3'" . DA  A 1 9  ? -9.790  -4.689 -6.660  1.00 124.86 ? 9   DA  A "C3'" 1 
ATOM   173 O  "O3'" . DA  A 1 9  ? -10.830 -5.228 -5.832  1.00 132.73 ? 9   DA  A "O3'" 1 
ATOM   174 C  "C2'" . DA  A 1 9  ? -9.709  -3.172 -6.703  1.00 116.63 ? 9   DA  A "C2'" 1 
ATOM   175 C  "C1'" . DA  A 1 9  ? -8.734  -2.828 -5.578  1.00 108.56 ? 9   DA  A "C1'" 1 
ATOM   176 N  N9    . DA  A 1 9  ? -7.805  -1.731 -5.849  1.00 94.82  ? 9   DA  A N9    1 
ATOM   177 C  C8    . DA  A 1 9  ? -7.395  -1.186 -7.043  1.00 91.01  ? 9   DA  A C8    1 
ATOM   178 N  N7    . DA  A 1 9  ? -6.544  -0.195 -6.907  1.00 87.52  ? 9   DA  A N7    1 
ATOM   179 C  C5    . DA  A 1 9  ? -6.381  -0.084 -5.531  1.00 79.96  ? 9   DA  A C5    1 
ATOM   180 C  C6    . DA  A 1 9  ? -5.619  0.786  -4.739  1.00 77.17  ? 9   DA  A C6    1 
ATOM   181 N  N6    . DA  A 1 9  ? -4.825  1.736  -5.237  1.00 77.22  ? 9   DA  A N6    1 
ATOM   182 N  N1    . DA  A 1 9  ? -5.699  0.645  -3.396  1.00 76.85  ? 9   DA  A N1    1 
ATOM   183 C  C2    . DA  A 1 9  ? -6.501  -0.306 -2.895  1.00 77.52  ? 9   DA  A C2    1 
ATOM   184 N  N3    . DA  A 1 9  ? -7.253  -1.195 -3.539  1.00 78.27  ? 9   DA  A N3    1 
ATOM   185 C  C4    . DA  A 1 9  ? -7.148  -1.028 -4.868  1.00 84.37  ? 9   DA  A C4    1 
ATOM   186 P  P     . DG  A 1 10 ? -12.384 -5.056 -6.237  1.00 141.61 ? 10  DG  A P     1 
ATOM   187 O  OP1   . DG  A 1 10 ? -13.015 -6.406 -6.218  1.00 148.56 ? 10  DG  A OP1   1 
ATOM   188 O  OP2   . DG  A 1 10 ? -12.462 -4.216 -7.472  1.00 143.91 ? 10  DG  A OP2   1 
ATOM   189 O  "O5'" . DG  A 1 10 ? -12.966 -4.232 -5.001  1.00 133.20 ? 10  DG  A "O5'" 1 
ATOM   190 C  "C5'" . DG  A 1 10 ? -12.441 -4.454 -3.670  1.00 122.02 ? 10  DG  A "C5'" 1 
ATOM   191 C  "C4'" . DG  A 1 10 ? -12.543 -3.207 -2.821  1.00 113.26 ? 10  DG  A "C4'" 1 
ATOM   192 O  "O4'" . DG  A 1 10 ? -11.510 -2.253 -3.175  1.00 105.12 ? 10  DG  A "O4'" 1 
ATOM   193 C  "C3'" . DG  A 1 10 ? -13.873 -2.456 -2.924  1.00 109.51 ? 10  DG  A "C3'" 1 
ATOM   194 O  "O3'" . DG  A 1 10 ? -14.350 -2.177 -1.601  1.00 110.92 ? 10  DG  A "O3'" 1 
ATOM   195 C  "C2'" . DG  A 1 10 ? -13.520 -1.226 -3.739  1.00 102.46 ? 10  DG  A "C2'" 1 
ATOM   196 C  "C1'" . DG  A 1 10 ? -12.094 -0.975 -3.305  1.00 96.57  ? 10  DG  A "C1'" 1 
ATOM   197 N  N9    . DG  A 1 10 ? -11.297 -0.210 -4.253  1.00 87.55  ? 10  DG  A N9    1 
ATOM   198 C  C8    . DG  A 1 10 ? -11.355 -0.250 -5.627  1.00 86.90  ? 10  DG  A C8    1 
ATOM   199 N  N7    . DG  A 1 10 ? -10.502 0.559  -6.196  1.00 85.47  ? 10  DG  A N7    1 
ATOM   200 C  C5    . DG  A 1 10 ? -9.863  1.185  -5.136  1.00 78.28  ? 10  DG  A C5    1 
ATOM   201 C  C6    . DG  A 1 10 ? -8.855  2.189  -5.131  1.00 77.76  ? 10  DG  A C6    1 
ATOM   202 O  O6    . DG  A 1 10 ? -8.306  2.738  -6.099  1.00 82.32  ? 10  DG  A O6    1 
ATOM   203 N  N1    . DG  A 1 10 ? -8.478  2.528  -3.833  1.00 72.23  ? 10  DG  A N1    1 
ATOM   204 C  C2    . DG  A 1 10 ? -9.032  2.001  -2.687  1.00 73.78  ? 10  DG  A C2    1 
ATOM   205 N  N2    . DG  A 1 10 ? -8.547  2.466  -1.525  1.00 74.76  ? 10  DG  A N2    1 
ATOM   206 N  N3    . DG  A 1 10 ? -9.982  1.080  -2.680  1.00 74.44  ? 10  DG  A N3    1 
ATOM   207 C  C4    . DG  A 1 10 ? -10.341 0.717  -3.930  1.00 79.17  ? 10  DG  A C4    1 
ATOM   208 P  P     . DG  A 1 11 ? -15.696 -1.328 -1.372  1.00 119.75 ? 11  DG  A P     1 
ATOM   209 O  OP1   . DG  A 1 11 ? -16.201 -1.616 0.001   1.00 123.55 ? 11  DG  A OP1   1 
ATOM   210 O  OP2   . DG  A 1 11 ? -16.601 -1.527 -2.552  1.00 118.85 ? 11  DG  A OP2   1 
ATOM   211 O  "O5'" . DG  A 1 11 ? -15.152 0.173  -1.365  1.00 111.43 ? 11  DG  A "O5'" 1 
ATOM   212 C  "C5'" . DG  A 1 11 ? -14.075 0.609  -0.505  1.00 98.95  ? 11  DG  A "C5'" 1 
ATOM   213 C  "C4'" . DG  A 1 11 ? -13.905 2.102  -0.646  1.00 92.23  ? 11  DG  A "C4'" 1 
ATOM   214 O  "O4'" . DG  A 1 11 ? -13.405 2.410  -1.966  1.00 86.59  ? 11  DG  A "O4'" 1 
ATOM   215 C  "C3'" . DG  A 1 11 ? -15.217 2.874  -0.524  1.00 92.21  ? 11  DG  A "C3'" 1 
ATOM   216 O  "O3'" . DG  A 1 11 ? -15.019 4.208  -0.067  1.00 91.23  ? 11  DG  A "O3'" 1 
ATOM   217 C  "C2'" . DG  A 1 11 ? -15.701 2.955  -1.954  1.00 90.21  ? 11  DG  A "C2'" 1 
ATOM   218 C  "C1'" . DG  A 1 11 ? -14.400 3.107  -2.704  1.00 86.38  ? 11  DG  A "C1'" 1 
ATOM   219 N  N9    . DG  A 1 11 ? -14.425 2.546  -4.041  1.00 85.48  ? 11  DG  A N9    1 
ATOM   220 C  C8    . DG  A 1 11 ? -15.311 1.633  -4.563  1.00 86.30  ? 11  DG  A C8    1 
ATOM   221 N  N7    . DG  A 1 11 ? -15.061 1.333  -5.808  1.00 88.14  ? 11  DG  A N7    1 
ATOM   222 C  C5    . DG  A 1 11 ? -13.950 2.102  -6.129  1.00 87.22  ? 11  DG  A C5    1 
ATOM   223 C  C6    . DG  A 1 11 ? -13.219 2.202  -7.342  1.00 90.01  ? 11  DG  A C6    1 
ATOM   224 O  O6    . DG  A 1 11 ? -13.414 1.612  -8.414  1.00 95.71  ? 11  DG  A O6    1 
ATOM   225 N  N1    . DG  A 1 11 ? -12.161 3.103  -7.229  1.00 85.44  ? 11  DG  A N1    1 
ATOM   226 C  C2    . DG  A 1 11 ? -11.856 3.824  -6.101  1.00 81.02  ? 11  DG  A C2    1 
ATOM   227 N  N2    . DG  A 1 11 ? -10.800 4.644  -6.192  1.00 80.86  ? 11  DG  A N2    1 
ATOM   228 N  N3    . DG  A 1 11 ? -12.515 3.721  -4.959  1.00 79.84  ? 11  DG  A N3    1 
ATOM   229 C  C4    . DG  A 1 11 ? -13.543 2.850  -5.046  1.00 83.40  ? 11  DG  A C4    1 
ATOM   230 P  P     . DA  A 1 12 ? -16.011 4.834  0.977   1.00 95.29  ? 12  DA  A P     1 
ATOM   231 O  OP1   . DA  A 1 12 ? -16.324 3.804  1.999   1.00 98.01  ? 12  DA  A OP1   1 
ATOM   232 O  OP2   . DA  A 1 12 ? -17.137 5.503  0.239   1.00 93.09  ? 12  DA  A OP2   1 
ATOM   233 O  "O5'" . DA  A 1 12 ? -15.046 5.862  1.704   1.00 92.28  ? 12  DA  A "O5'" 1 
ATOM   234 C  "C5'" . DA  A 1 12 ? -13.832 5.413  2.306   1.00 90.45  ? 12  DA  A "C5'" 1 
ATOM   235 C  "C4'" . DA  A 1 12 ? -12.813 6.523  2.254   1.00 90.74  ? 12  DA  A "C4'" 1 
ATOM   236 O  "O4'" . DA  A 1 12 ? -12.364 6.662  0.888   1.00 87.30  ? 12  DA  A "O4'" 1 
ATOM   237 C  "C3'" . DA  A 1 12 ? -13.356 7.898  2.657   1.00 98.00  ? 12  DA  A "C3'" 1 
ATOM   238 O  "O3'" . DA  A 1 12 ? -12.359 8.636  3.391   1.00 112.21 ? 12  DA  A "O3'" 1 
ATOM   239 C  "C2'" . DA  A 1 12 ? -13.681 8.542  1.320   1.00 94.43  ? 12  DA  A "C2'" 1 
ATOM   240 C  "C1'" . DA  A 1 12 ? -12.566 7.998  0.459   1.00 85.99  ? 12  DA  A "C1'" 1 
ATOM   241 N  N9    . DA  A 1 12 ? -12.781 7.971  -0.983  1.00 79.85  ? 12  DA  A N9    1 
ATOM   242 C  C8    . DA  A 1 12 ? -13.449 7.046  -1.744  1.00 78.60  ? 12  DA  A C8    1 
ATOM   243 N  N7    . DA  A 1 12 ? -13.377 7.272  -3.033  1.00 79.26  ? 12  DA  A N7    1 
ATOM   244 C  C5    . DA  A 1 12 ? -12.597 8.416  -3.129  1.00 76.75  ? 12  DA  A C5    1 
ATOM   245 C  C6    . DA  A 1 12 ? -12.158 9.176  -4.228  1.00 76.59  ? 12  DA  A C6    1 
ATOM   246 N  N6    . DA  A 1 12 ? -12.449 8.884  -5.494  1.00 77.86  ? 12  DA  A N6    1 
ATOM   247 N  N1    . DA  A 1 12 ? -11.416 10.276 -3.975  1.00 77.15  ? 12  DA  A N1    1 
ATOM   248 C  C2    . DA  A 1 12 ? -11.126 10.574 -2.701  1.00 77.41  ? 12  DA  A C2    1 
ATOM   249 N  N3    . DA  A 1 12 ? -11.463 9.927  -1.586  1.00 76.49  ? 12  DA  A N3    1 
ATOM   250 C  C4    . DA  A 1 12 ? -12.213 8.849  -1.873  1.00 77.41  ? 12  DA  A C4    1 
ATOM   251 P  P     . DG  A 1 13 ? -12.723 9.406  4.781   1.00 123.10 ? 13  DG  A P     1 
ATOM   252 O  OP1   . DG  A 1 13 ? -13.592 10.575 4.458   1.00 127.41 ? 13  DG  A OP1   1 
ATOM   253 O  OP2   . DG  A 1 13 ? -11.439 9.611  5.523   1.00 121.95 ? 13  DG  A OP2   1 
ATOM   254 O  "O5'" . DG  A 1 13 ? -13.662 8.378  5.565   1.00 122.18 ? 13  DG  A "O5'" 1 
HETATM 255 MG MG    . MG  B 2 .  ? 15.789  2.729  7.863   1.00 102.66 ? 101 MG  A MG    1 
HETATM 256 O  O     . HOH C 3 .  ? -17.463 5.957  -2.091  1.00 75.53  ? 201 HOH A O     1 
HETATM 257 O  O     . HOH C 3 .  ? -17.509 8.062  0.158   1.00 78.30  ? 202 HOH A O     1 
# 
loop_
_atom_site_anisotrop.id 
_atom_site_anisotrop.type_symbol 
_atom_site_anisotrop.pdbx_label_atom_id 
_atom_site_anisotrop.pdbx_label_alt_id 
_atom_site_anisotrop.pdbx_label_comp_id 
_atom_site_anisotrop.pdbx_label_asym_id 
_atom_site_anisotrop.pdbx_label_seq_id 
_atom_site_anisotrop.pdbx_PDB_ins_code 
_atom_site_anisotrop.U[1][1] 
_atom_site_anisotrop.U[2][2] 
_atom_site_anisotrop.U[3][3] 
_atom_site_anisotrop.U[1][2] 
_atom_site_anisotrop.U[1][3] 
_atom_site_anisotrop.U[2][3] 
_atom_site_anisotrop.pdbx_auth_seq_id 
_atom_site_anisotrop.pdbx_auth_comp_id 
_atom_site_anisotrop.pdbx_auth_asym_id 
_atom_site_anisotrop.pdbx_auth_atom_id 
1   O "O5'" . DG A 1  ? 1.3346 1.3940 1.2089 -0.0586 -0.1556 0.0589  1  DG A "O5'" 
2   C "C5'" . DG A 1  ? 1.3254 1.3224 1.1890 -0.0288 -0.1805 0.0615  1  DG A "C5'" 
3   C "C4'" . DG A 1  ? 1.2777 1.2805 1.1706 0.0072  -0.1881 0.0432  1  DG A "C4'" 
4   O "O4'" . DG A 1  ? 1.2339 1.1552 1.1149 -0.0029 -0.1788 0.0510  1  DG A "O4'" 
5   C "C3'" . DG A 1  ? 1.2258 1.3104 1.1540 0.0062  -0.1679 0.0269  1  DG A "C3'" 
6   O "O3'" . DG A 1  ? 1.3119 1.4370 1.2693 0.0525  -0.1867 0.0030  1  DG A "O3'" 
7   C "C2'" . DG A 1  ? 1.1540 1.1885 1.0763 -0.0225 -0.1389 0.0355  1  DG A "C2'" 
8   C "C1'" . DG A 1  ? 1.1365 1.0841 1.0425 -0.0107 -0.1529 0.0412  1  DG A "C1'" 
9   N N9    . DG A 1  ? 1.0577 0.9471 0.9455 -0.0442 -0.1295 0.0548  1  DG A N9    
10  C C8    . DG A 1  ? 1.0506 0.9032 0.9453 -0.0450 -0.1203 0.0515  1  DG A C8    
11  N N7    . DG A 1  ? 1.0225 0.8414 0.8998 -0.0768 -0.0989 0.0628  1  DG A N7    
12  C C5    . DG A 1  ? 1.0252 0.8534 0.8807 -0.0975 -0.0940 0.0735  1  DG A C5    
13  C C6    . DG A 1  ? 1.0741 0.8817 0.9042 -0.1308 -0.0740 0.0836  1  DG A C6    
14  O O6    . DG A 1  ? 1.1185 0.9014 0.9423 -0.1474 -0.0557 0.0844  1  DG A O6    
15  N N1    . DG A 1  ? 1.0756 0.9013 0.8870 -0.1429 -0.0778 0.0900  1  DG A N1    
16  C C2    . DG A 1  ? 1.1326 0.9994 0.9520 -0.1265 -0.0978 0.0875  1  DG A C2    
17  N N2    . DG A 1  ? 1.2105 1.0945 1.0094 -0.1448 -0.0991 0.0937  1  DG A N2    
18  N N3    . DG A 1  ? 1.0821 0.9775 0.9281 -0.0932 -0.1157 0.0766  1  DG A N3    
19  C C4    . DG A 1  ? 1.0441 0.9150 0.9058 -0.0799 -0.1128 0.0699  1  DG A C4    
20  P P     . DG A 2  ? 1.3001 1.5275 1.2940 0.0574  -0.1711 -0.0170 2  DG A P     
21  O OP1   . DG A 2  ? 1.3099 1.5827 1.3300 0.1136  -0.1978 -0.0460 2  DG A OP1   
22  O OP2   . DG A 2  ? 1.2974 1.5941 1.2896 0.0192  -0.1541 -0.0087 2  DG A OP2   
23  O "O5'" . DG A 2  ? 1.1772 1.3545 1.1704 0.0364  -0.1448 -0.0108 2  DG A "O5'" 
24  C "C5'" . DG A 2  ? 1.1109 1.2231 1.1057 0.0585  -0.1528 -0.0174 2  DG A "C5'" 
25  C "C4'" . DG A 2  ? 1.0499 1.1410 1.0463 0.0318  -0.1239 -0.0109 2  DG A "C4'" 
26  O "O4'" . DG A 2  ? 1.0004 1.0300 0.9690 -0.0057 -0.1079 0.0116  2  DG A "O4'" 
27  C "C3'" . DG A 2  ? 0.9974 1.1701 1.0088 0.0165  -0.1038 -0.0147 2  DG A "C3'" 
28  O "O3'" . DG A 2  ? 1.0028 1.1692 1.0247 0.0170  -0.0898 -0.0200 2  DG A "O3'" 
29  C "C2'" . DG A 2  ? 0.9607 1.1128 0.9469 -0.0276 -0.0855 0.0072  2  DG A "C2'" 
30  C "C1'" . DG A 2  ? 0.9407 0.9990 0.9080 -0.0350 -0.0826 0.0180  2  DG A "C1'" 
31  N N9    . DG A 2  ? 0.8787 0.9013 0.8170 -0.0673 -0.0732 0.0352  2  DG A N9    
32  C C8    . DG A 2  ? 0.8763 0.9278 0.8014 -0.0845 -0.0761 0.0419  2  DG A C8    
33  N N7    . DG A 2  ? 0.9117 0.9173 0.8084 -0.1124 -0.0657 0.0547  2  DG A N7    
34  C C5    . DG A 2  ? 0.8792 0.8305 0.7728 -0.1130 -0.0539 0.0557  2  DG A C5    
35  C C6    . DG A 2  ? 0.9548 0.8543 0.8243 -0.1347 -0.0390 0.0631  2  DG A C6    
36  O O6    . DG A 2  ? 1.0720 0.9562 0.9151 -0.1575 -0.0333 0.0699  2  DG A O6    
37  N N1    . DG A 2  ? 0.9106 0.7818 0.7895 -0.1273 -0.0308 0.0588  2  DG A N1    
38  C C2    . DG A 2  ? 0.8658 0.7496 0.7717 -0.1039 -0.0367 0.0493  2  DG A C2    
39  N N2    . DG A 2  ? 0.8969 0.7542 0.8085 -0.1035 -0.0277 0.0455  2  DG A N2    
40  N N3    . DG A 2  ? 0.8291 0.7550 0.7549 -0.0820 -0.0511 0.0413  2  DG A N3    
41  C C4    . DG A 2  ? 0.8477 0.8082 0.7669 -0.0871 -0.0588 0.0448  2  DG A C4    
42  P P     . DA A 3  ? 1.0214 1.2768 1.0698 0.0367  -0.0889 -0.0404 3  DA A P     
43  O OP1   . DA A 3  ? 1.0253 1.3639 1.0888 0.0594  -0.1063 -0.0563 3  DA A OP1   
44  O OP2   . DA A 3  ? 1.1321 1.4034 1.1720 0.0029  -0.0642 -0.0273 3  DA A OP2   
45  O "O5'" . DA A 3  ? 1.0062 1.2203 1.0674 0.0697  -0.1003 -0.0579 3  DA A "O5'" 
46  C "C5'" . DA A 3  ? 1.0389 1.1559 1.0854 0.0624  -0.1014 -0.0479 3  DA A "C5'" 
47  C "C4'" . DA A 3  ? 1.0456 1.1459 1.1043 0.0732  -0.0981 -0.0604 3  DA A "C4'" 
48  O "O4'" . DA A 3  ? 1.0480 1.0990 1.0942 0.0426  -0.0779 -0.0431 3  DA A "O4'" 
49  C "C3'" . DA A 3  ? 1.0628 1.2434 1.1411 0.0837  -0.0893 -0.0752 3  DA A "C3'" 
50  O "O3'" . DA A 3  ? 1.1840 1.3467 1.2747 0.1037  -0.0950 -0.0932 3  DA A "O3'" 
51  C "C2'" . DA A 3  ? 1.0015 1.1833 1.0658 0.0452  -0.0633 -0.0525 3  DA A "C2'" 
52  C "C1'" . DA A 3  ? 0.9791 1.0735 1.0286 0.0286  -0.0578 -0.0389 3  DA A "C1'" 
53  N N9    . DA A 3  ? 0.9425 1.0090 0.9694 -0.0042 -0.0420 -0.0170 3  DA A N9    
54  C C8    . DA A 3  ? 0.9527 1.0235 0.9636 -0.0210 -0.0422 -0.0048 3  DA A C8    
55  N N7    . DA A 3  ? 0.9589 0.9918 0.9478 -0.0477 -0.0281 0.0104  3  DA A N7    
56  C C5    . DA A 3  ? 0.9348 0.9405 0.9276 -0.0457 -0.0183 0.0076  3  DA A C5    
57  C C6    . DA A 3  ? 0.9355 0.9029 0.9135 -0.0605 -0.0037 0.0143  3  DA A C6    
58  N N6    . DA A 3  ? 0.9810 0.9223 0.9337 -0.0816 0.0037  0.0252  3  DA A N6    
59  N N1    . DA A 3  ? 0.9419 0.9015 0.9322 -0.0502 0.0014  0.0061  3  DA A N1    
60  C C2    . DA A 3  ? 0.9431 0.9270 0.9568 -0.0301 -0.0073 -0.0069 3  DA A C2    
61  N N3    . DA A 3  ? 0.9545 0.9688 0.9813 -0.0137 -0.0216 -0.0158 3  DA A N3    
62  C C4    . DA A 3  ? 0.9241 0.9500 0.9404 -0.0211 -0.0265 -0.0081 3  DA A C4    
63  P P     . DT A 4  ? 1.1802 1.3583 1.2877 0.1522  -0.1239 -0.1280 4  DT A P     
64  O OP1   . DT A 4  ? 1.1957 1.3184 1.3050 0.1561  -0.1279 -0.1376 4  DT A OP1   
65  O OP2   . DT A 4  ? 1.2368 1.3923 1.3364 0.1715  -0.1485 -0.1307 4  DT A OP2   
66  O "O5'" . DT A 4  ? 1.1423 1.4369 1.2693 0.1676  -0.1170 -0.1467 4  DT A "O5'" 
67  C "C5'" . DT A 4  ? 1.1953 1.5719 1.3319 0.1862  -0.1263 -0.1592 4  DT A "C5'" 
68  C "C4'" . DT A 4  ? 1.1847 1.6758 1.3407 0.2037  -0.1215 -0.1839 4  DT A "C4'" 
69  O "O4'" . DT A 4  ? 1.1382 1.6344 1.3097 0.2547  -0.1456 -0.2231 4  DT A "O4'" 
70  C "C3'" . DT A 4  ? 1.1469 1.6631 1.2980 0.1726  -0.0958 -0.1700 4  DT A "C3'" 
71  O "O3'" . DT A 4  ? 1.2561 1.8908 1.4113 0.1600  -0.0836 -0.1716 4  DT A "O3'" 
72  C "C2'" . DT A 4  ? 1.1050 1.6016 1.2670 0.2025  -0.1058 -0.1962 4  DT A "C2'" 
73  C "C1'" . DT A 4  ? 1.0475 1.5643 1.2250 0.2551  -0.1354 -0.2343 4  DT A "C1'" 
74  N N1    . DT A 4  ? 0.9552 1.3812 1.1311 0.2803  -0.1566 -0.2522 4  DT A N1    
75  C C2    . DT A 4  ? 0.9372 1.3957 1.1256 0.3133  -0.1672 -0.2883 4  DT A C2    
76  O O2    . DT A 4  ? 0.8886 1.4570 1.0904 0.3254  -0.1589 -0.3076 4  DT A O2    
77  N N3    . DT A 4  ? 0.9669 1.3262 1.1485 0.3286  -0.1887 -0.3016 4  DT A N3    
78  C C4    . DT A 4  ? 0.9681 1.2068 1.1308 0.3109  -0.1993 -0.2804 4  DT A C4    
79  O O4    . DT A 4  ? 1.0725 1.2305 1.2268 0.3209  -0.2199 -0.2942 4  DT A O4    
80  C C5    . DT A 4  ? 0.9334 1.1528 1.0845 0.2780  -0.1856 -0.2431 4  DT A C5    
81  C C7    . DT A 4  ? 0.9789 1.0806 1.1065 0.2548  -0.1946 -0.2184 4  DT A C7    
82  C C6    . DT A 4  ? 0.9306 1.2409 1.0892 0.2659  -0.1655 -0.2321 4  DT A C6    
83  P P     . DA A 5  ? 1.2682 1.9266 1.4029 0.1111  -0.0572 -0.1418 5  DA A P     
84  O OP1   . DA A 5  ? 1.3433 2.1005 1.4731 0.0842  -0.0488 -0.1332 5  DA A OP1   
85  O OP2   . DA A 5  ? 1.3262 1.8695 1.4404 0.0851  -0.0484 -0.1126 5  DA A OP2   
86  O "O5'" . DA A 5  ? 1.2399 1.9483 1.3846 0.1319  -0.0563 -0.1646 5  DA A "O5'" 
87  C "C5'" . DA A 5  ? 1.2469 2.0717 1.4124 0.1642  -0.0642 -0.2010 5  DA A "C5'" 
88  C "C4'" . DA A 5  ? 1.2610 2.1112 1.4283 0.1764  -0.0610 -0.2167 5  DA A "C4'" 
89  O "O4'" . DA A 5  ? 1.2379 2.0036 1.4166 0.2124  -0.0782 -0.2384 5  DA A "O4'" 
90  C "C3'" . DA A 5  ? 1.2922 2.1139 1.4321 0.1324  -0.0418 -0.1806 5  DA A "C3'" 
91  O "O3'" . DA A 5  ? 1.4372 2.3526 1.5743 0.1339  -0.0356 -0.1932 5  DA A "O3'" 
92  C "C2'" . DA A 5  ? 1.2299 1.9257 1.3687 0.1395  -0.0469 -0.1739 5  DA A "C2'" 
93  C "C1'" . DA A 5  ? 1.1450 1.8324 1.3095 0.1898  -0.0685 -0.2162 5  DA A "C1'" 
94  N N9    . DA A 5  ? 0.9861 1.5572 1.1527 0.1981  -0.0807 -0.2143 5  DA A N9    
95  C C8    . DA A 5  ? 0.9246 1.4150 1.0791 0.1740  -0.0770 -0.1858 5  DA A C8    
96  N N7    . DA A 5  ? 0.8750 1.2770 1.0315 0.1844  -0.0902 -0.1914 5  DA A N7    
97  C C5    . DA A 5  ? 0.8530 1.2704 1.0231 0.2174  -0.1052 -0.2260 5  DA A C5    
98  C C6    . DA A 5  ? 0.8449 1.1914 1.0187 0.2368  -0.1255 -0.2467 5  DA A C6    
99  N N6    . DA A 5  ? 0.8701 1.1176 1.0333 0.2219  -0.1327 -0.2320 5  DA A N6    
100 N N1    . DA A 5  ? 0.8637 1.2445 1.0485 0.2676  -0.1382 -0.2827 5  DA A N1    
101 C C2    . DA A 5  ? 0.9057 1.3952 1.0986 0.2800  -0.1298 -0.2975 5  DA A C2    
102 N N3    . DA A 5  ? 0.8811 1.4509 1.0707 0.2610  -0.1101 -0.2787 5  DA A N3    
103 C C4    . DA A 5  ? 0.8908 1.4139 1.0683 0.2286  -0.0991 -0.2421 5  DA A C4    
104 P P     . DA A 6  ? 1.5023 2.4022 1.6063 0.0959  -0.0210 -0.1601 6  DA A P     
105 O OP1   . DA A 6  ? 1.5223 2.5527 1.6135 0.0760  -0.0116 -0.1606 6  DA A OP1   
106 O OP2   . DA A 6  ? 1.4506 2.2424 1.5299 0.0616  -0.0148 -0.1190 6  DA A OP2   
107 O "O5'" . DA A 6  ? 1.4320 2.2876 1.5492 0.1303  -0.0303 -0.1834 6  DA A "O5'" 
108 C "C5'" . DA A 6  ? 1.4002 2.3112 1.5448 0.1772  -0.0438 -0.2321 6  DA A "C5'" 
109 C "C4'" . DA A 6  ? 1.3428 2.1925 1.4937 0.1978  -0.0523 -0.2471 6  DA A "C4'" 
110 O "O4'" . DA A 6  ? 1.2492 1.9898 1.4128 0.2108  -0.0644 -0.2507 6  DA A "O4'" 
111 C "C3'" . DA A 6  ? 1.3233 2.1405 1.4494 0.1684  -0.0412 -0.2150 6  DA A "C3'" 
112 O "O3'" . DA A 6  ? 1.4556 2.3091 1.5874 0.1909  -0.0475 -0.2421 6  DA A "O3'" 
113 C "C2'" . DA A 6  ? 1.2321 1.9278 1.3580 0.1583  -0.0422 -0.1939 6  DA A "C2'" 
114 C "C1'" . DA A 6  ? 1.1393 1.8003 1.2929 0.1920  -0.0592 -0.2281 6  DA A "C1'" 
115 N N9    . DA A 6  ? 0.9684 1.5324 1.1234 0.1824  -0.0616 -0.2122 6  DA A N9    
116 C C8    . DA A 6  ? 0.8964 1.4265 1.0375 0.1546  -0.0516 -0.1796 6  DA A C8    
117 N N7    . DA A 6  ? 0.8721 1.3180 1.0166 0.1521  -0.0566 -0.1740 6  DA A N7    
118 C C5    . DA A 6  ? 0.8474 1.2665 1.0077 0.1768  -0.0719 -0.2027 6  DA A C5    
119 C C6    . DA A 6  ? 0.8367 1.1726 1.0023 0.1800  -0.0844 -0.2095 6  DA A C6    
120 N N6    . DA A 6  ? 0.8458 1.1155 1.0028 0.1600  -0.0815 -0.1873 6  DA A N6    
121 N N1    . DA A 6  ? 0.8278 1.1510 1.0043 0.2010  -0.1008 -0.2399 6  DA A N1    
122 C C2    . DA A 6  ? 0.8548 1.2487 1.0385 0.2219  -0.1036 -0.2644 6  DA A C2    
123 N N3    . DA A 6  ? 0.8659 1.3487 1.0463 0.2226  -0.0914 -0.2614 6  DA A N3    
124 C C4    . DA A 6  ? 0.8750 1.3637 1.0425 0.1970  -0.0757 -0.2279 6  DA A C4    
125 P P     . DT A 7  ? 1.5068 2.3343 1.6173 0.1743  -0.0427 -0.2199 7  DT A P     
126 O OP1   . DT A 7  ? 1.5520 2.4824 1.6538 0.1824  -0.0422 -0.2379 7  DT A OP1   
127 O OP2   . DT A 7  ? 1.5318 2.3009 1.6139 0.1367  -0.0320 -0.1710 7  DT A OP2   
128 O "O5'" . DT A 7  ? 1.4049 2.1502 1.5386 0.1968  -0.0554 -0.2410 7  DT A "O5'" 
129 C "C5'" . DT A 7  ? 1.3421 2.0915 1.5022 0.2325  -0.0720 -0.2875 7  DT A "C5'" 
130 C "C4'" . DT A 7  ? 1.2923 1.9476 1.4654 0.2361  -0.0822 -0.2943 7  DT A "C4'" 
131 O "O4'" . DT A 7  ? 1.2029 1.7788 1.3776 0.2213  -0.0803 -0.2728 7  DT A "O4'" 
132 C "C3'" . DT A 7  ? 1.3193 1.9568 1.4842 0.2208  -0.0766 -0.2768 7  DT A "C3'" 
133 O "O3'" . DT A 7  ? 1.4468 2.0785 1.6271 0.2388  -0.0912 -0.3112 7  DT A "O3'" 
134 C "C2'" . DT A 7  ? 1.2149 1.7722 1.3753 0.1964  -0.0681 -0.2424 7  DT A "C2'" 
135 C "C1'" . DT A 7  ? 1.1233 1.6338 1.2966 0.2024  -0.0759 -0.2534 7  DT A "C1'" 
136 N N1    . DT A 7  ? 0.9645 1.4203 1.1294 0.1798  -0.0660 -0.2211 7  DT A N1    
137 C C2    . DT A 7  ? 0.9226 1.3023 1.0959 0.1733  -0.0716 -0.2211 7  DT A C2    
138 O O2    . DT A 7  ? 0.9258 1.2756 1.1117 0.1820  -0.0852 -0.2447 7  DT A O2    
139 N N3    . DT A 7  ? 0.8881 1.2268 1.0509 0.1528  -0.0614 -0.1922 7  DT A N3    
140 C C4    . DT A 7  ? 0.9151 1.2742 1.0596 0.1380  -0.0482 -0.1650 7  DT A C4    
141 O O4    . DT A 7  ? 0.9076 1.2224 1.0429 0.1204  -0.0415 -0.1435 7  DT A O4    
142 C C5    . DT A 7  ? 0.9068 1.3404 1.0409 0.1415  -0.0444 -0.1644 7  DT A C5    
143 C C7    . DT A 7  ? 0.9285 1.3821 1.0362 0.1181  -0.0325 -0.1333 7  DT A C7    
144 C C6    . DT A 7  ? 0.9109 1.3920 1.0559 0.1622  -0.0525 -0.1917 7  DT A C6    
145 P P     . DT A 8  ? 1.4970 2.1160 1.6768 0.2294  -0.0907 -0.3041 8  DT A P     
146 O OP1   . DT A 8  ? 1.5719 2.2345 1.7606 0.2505  -0.1048 -0.3445 8  DT A OP1   
147 O OP2   . DT A 8  ? 1.3991 2.0302 1.5552 0.2105  -0.0762 -0.2625 8  DT A OP2   
148 O "O5'" . DT A 8  ? 1.4141 1.9437 1.6096 0.2167  -0.0947 -0.3015 8  DT A "O5'" 
149 C "C5'" . DT A 8  ? 1.3975 1.8785 1.6057 0.2245  -0.1101 -0.3275 8  DT A "C5'" 
150 C "C4'" . DT A 8  ? 1.3546 1.7634 1.5711 0.2011  -0.1107 -0.3175 8  DT A "C4'" 
151 O "O4'" . DT A 8  ? 1.2476 1.6160 1.4565 0.1837  -0.0978 -0.2844 8  DT A "O4'" 
152 C "C3'" . DT A 8  ? 1.3410 1.7729 1.5626 0.1902  -0.1041 -0.3100 8  DT A "C3'" 
153 O "O3'" . DT A 8  ? 1.4920 1.8927 1.7282 0.1787  -0.1161 -0.3310 8  DT A "O3'" 
154 C "C2'" . DT A 8  ? 1.2385 1.6549 1.4503 0.1743  -0.0858 -0.2706 8  DT A "C2'" 
155 C "C1'" . DT A 8  ? 1.1760 1.5353 1.3851 0.1642  -0.0846 -0.2608 8  DT A "C1'" 
156 N N1    . DT A 8  ? 1.0309 1.3815 1.2241 0.1552  -0.0692 -0.2272 8  DT A N1    
157 C C2    . DT A 8  ? 0.9883 1.2825 1.1802 0.1367  -0.0635 -0.2109 8  DT A C2    
158 O O2    . DT A 8  ? 1.0655 1.3185 1.2670 0.1249  -0.0700 -0.2204 8  DT A O2    
159 N N3    . DT A 8  ? 0.8921 1.1790 1.0670 0.1289  -0.0508 -0.1826 8  DT A N3    
160 C C4    . DT A 8  ? 0.8785 1.2027 1.0353 0.1330  -0.0445 -0.1669 8  DT A C4    
161 O O4    . DT A 8  ? 0.8839 1.1888 1.0227 0.1205  -0.0353 -0.1419 8  DT A O4    
162 C C5    . DT A 8  ? 0.8932 1.2773 1.0501 0.1490  -0.0504 -0.1820 8  DT A C5    
163 C C7    . DT A 8  ? 0.8927 1.3211 1.0239 0.1470  -0.0446 -0.1629 8  DT A C7    
164 C C6    . DT A 8  ? 0.9477 1.3443 1.1239 0.1613  -0.0619 -0.2122 8  DT A C6    
165 P P     . DA A 9  ? 1.5253 1.9463 1.7735 0.1632  -0.1103 -0.3254 9  DA A P     
166 O OP1   . DA A 9  ? 1.6417 2.0556 1.9037 0.1546  -0.1275 -0.3582 9  DA A OP1   
167 O OP2   . DA A 9  ? 1.5026 1.9834 1.7415 0.1782  -0.1012 -0.3101 9  DA A OP2   
168 O "O5'" . DA A 9  ? 1.4875 1.8581 1.7365 0.1380  -0.0975 -0.2980 9  DA A "O5'" 
169 C "C5'" . DA A 9  ? 1.4624 1.7652 1.7091 0.1198  -0.1038 -0.2990 9  DA A "C5'" 
170 C "C4'" . DA A 9  ? 1.4154 1.6963 1.6688 0.0887  -0.0932 -0.2834 9  DA A "C4'" 
171 O "O4'" . DA A 9  ? 1.3123 1.5845 1.5551 0.0890  -0.0758 -0.2532 9  DA A "O4'" 
172 C "C3'" . DA A 9  ? 1.3787 1.7152 1.6502 0.0837  -0.0888 -0.2910 9  DA A "C3'" 
173 O "O3'" . DA A 9  ? 1.4796 1.8015 1.7623 0.0479  -0.0877 -0.2938 9  DA A "O3'" 
174 C "C2'" . DA A 9  ? 1.2660 1.6343 1.5310 0.1021  -0.0733 -0.2677 9  DA A "C2'" 
175 C "C1'" . DA A 9  ? 1.1865 1.5041 1.4343 0.0961  -0.0638 -0.2433 9  DA A "C1'" 
176 N N9    . DA A 9  ? 1.0158 1.3422 1.2446 0.1158  -0.0568 -0.2234 9  DA A N9    
177 C C8    . DA A 9  ? 0.9573 1.3247 1.1762 0.1376  -0.0600 -0.2233 9  DA A C8    
178 N N7    . DA A 9  ? 0.9228 1.2834 1.1192 0.1420  -0.0523 -0.1990 9  DA A N7    
179 C C5    . DA A 9  ? 0.8440 1.1565 1.0375 0.1255  -0.0437 -0.1846 9  DA A C5    
180 C C6    . DA A 9  ? 0.8256 1.1084 0.9982 0.1191  -0.0343 -0.1592 9  DA A C6    
181 N N6    . DA A 9  ? 0.8304 1.1250 0.9787 0.1249  -0.0324 -0.1414 9  DA A N6    
182 N N1    . DA A 9  ? 0.8351 1.0756 1.0092 0.1021  -0.0277 -0.1519 9  DA A N1    
183 C C2    . DA A 9  ? 0.8411 1.0705 1.0341 0.0890  -0.0301 -0.1665 9  DA A C2    
184 N N3    . DA A 9  ? 0.8370 1.0881 1.0490 0.0889  -0.0393 -0.1893 9  DA A N3    
185 C C4    . DA A 9  ? 0.9002 1.1928 1.1128 0.1097  -0.0459 -0.1987 9  DA A C4    
186 P P     . DG A 10 ? 1.5612 1.9508 1.8687 0.0367  -0.0853 -0.3081 10 DG A P     
187 O OP1   . DG A 10 ? 1.6530 2.0245 1.9671 0.0015  -0.1001 -0.3295 10 DG A OP1   
188 O OP2   . DG A 10 ? 1.5688 2.0188 1.8804 0.0734  -0.0862 -0.3131 10 DG A OP2   
189 O "O5'" . DG A 10 ? 1.4502 1.8488 1.7620 0.0216  -0.0655 -0.2876 10 DG A "O5'" 
190 C "C5'" . DG A 10 ? 1.3341 1.6718 1.6300 -0.0021 -0.0584 -0.2687 10 DG A "C5'" 
191 C "C4'" . DG A 10 ? 1.2198 1.5710 1.5126 0.0060  -0.0389 -0.2486 10 DG A "C4'" 
192 O "O4'" . DG A 10 ? 1.1272 1.4638 1.4031 0.0409  -0.0366 -0.2334 10 DG A "O4'" 
193 C "C3'" . DG A 10 ? 1.1390 1.5671 1.4545 0.0122  -0.0302 -0.2584 10 DG A "C3'" 
194 O "O3'" . DG A 10 ? 1.1552 1.5877 1.4715 -0.0104 -0.0146 -0.2499 10 DG A "O3'" 
195 C "C2'" . DG A 10 ? 1.0467 1.4921 1.3543 0.0584  -0.0308 -0.2514 10 DG A "C2'" 
196 C "C1'" . DG A 10 ? 1.0039 1.3822 1.2832 0.0635  -0.0280 -0.2286 10 DG A "C1'" 
197 N N9    . DG A 10 ? 0.8959 1.2727 1.1581 0.0958  -0.0331 -0.2193 10 DG A N9    
198 C C8    . DG A 10 ? 0.8748 1.2875 1.1396 0.1159  -0.0445 -0.2306 10 DG A C8    
199 N N7    . DG A 10 ? 0.8673 1.2718 1.1083 0.1367  -0.0460 -0.2146 10 DG A N7    
200 C C5    . DG A 10 ? 0.7977 1.1561 1.0206 0.1300  -0.0356 -0.1925 10 DG A C5    
201 C C6    . DG A 10 ? 0.8109 1.1411 1.0025 0.1390  -0.0329 -0.1680 10 DG A C6    
202 O O6    . DG A 10 ? 0.8715 1.2136 1.0427 0.1527  -0.0387 -0.1585 10 DG A O6    
203 N N1    . DG A 10 ? 0.7591 1.0451 0.9404 0.1251  -0.0226 -0.1532 10 DG A N1    
204 C C2    . DG A 10 ? 0.7773 1.0514 0.9746 0.1061  -0.0150 -0.1600 10 DG A C2    
205 N N2    . DG A 10 ? 0.8086 1.0422 0.9898 0.0951  -0.0057 -0.1440 10 DG A N2    
206 N N3    . DG A 10 ? 0.7675 1.0692 0.9915 0.0944  -0.0167 -0.1803 10 DG A N3    
207 C C4    . DG A 10 ? 0.8101 1.1516 1.0463 0.1070  -0.0275 -0.1960 10 DG A C4    
208 P P     . DG A 11 ? 1.2307 1.7486 1.5706 -0.0012 -0.0034 -0.2625 11 DG A P     
209 O OP1   . DG A 11 ? 1.2749 1.8026 1.6167 -0.0415 0.0111  -0.2599 11 DG A OP1   
210 O OP2   . DG A 11 ? 1.1876 1.7748 1.5533 0.0100  -0.0144 -0.2863 11 DG A OP2   
211 O "O5'" . DG A 11 ? 1.1373 1.6375 1.4591 0.0453  0.0010  -0.2478 11 DG A "O5'" 
212 C "C5'" . DG A 11 ? 1.0117 1.4432 1.3049 0.0447  0.0083  -0.2243 11 DG A "C5'" 
213 C "C4'" . DG A 11 ? 0.9340 1.3596 1.2108 0.0865  0.0089  -0.2158 11 DG A "C4'" 
214 O "O4'" . DG A 11 ? 0.8687 1.2861 1.1353 0.1141  -0.0049 -0.2113 11 DG A "O4'" 
215 C "C3'" . DG A 11 ? 0.9051 1.3984 1.2001 0.1091  0.0118  -0.2345 11 DG A "C3'" 
216 O "O3'" . DG A 11 ? 0.9099 1.3747 1.1816 0.1400  0.0135  -0.2258 11 DG A "O3'" 
217 C "C2'" . DG A 11 ? 0.8613 1.3971 1.1691 0.1364  -0.0037 -0.2466 11 DG A "C2'" 
218 C "C1'" . DG A 11 ? 0.8442 1.3160 1.1219 0.1464  -0.0126 -0.2250 11 DG A "C1'" 
219 N N9    . DG A 11 ? 0.8210 1.3192 1.1076 0.1523  -0.0258 -0.2337 11 DG A N9    
220 C C8    . DG A 11 ? 0.8011 1.3590 1.1190 0.1396  -0.0309 -0.2576 11 DG A C8    
221 N N7    . DG A 11 ? 0.8218 1.3902 1.1372 0.1508  -0.0439 -0.2620 11 DG A N7    
222 C C5    . DG A 11 ? 0.8385 1.3565 1.1191 0.1703  -0.0464 -0.2383 11 DG A C5    
223 C C6    . DG A 11 ? 0.8818 1.3955 1.1425 0.1857  -0.0575 -0.2313 11 DG A C6    
224 O O6    . DG A 11 ? 0.9380 1.4902 1.2084 0.1896  -0.0680 -0.2470 11 DG A O6    
225 N N1    . DG A 11 ? 0.8533 1.3159 1.0773 0.1943  -0.0554 -0.2037 11 DG A N1    
226 C C2    . DG A 11 ? 0.8182 1.2336 1.0264 0.1905  -0.0457 -0.1866 11 DG A C2    
227 N N2    . DG A 11 ? 0.8441 1.2139 1.0144 0.1945  -0.0467 -0.1607 11 DG A N2    
228 N N3    . DG A 11 ? 0.7967 1.2137 1.0232 0.1798  -0.0357 -0.1950 11 DG A N3    
229 C C4    . DG A 11 ? 0.8114 1.2835 1.0739 0.1696  -0.0360 -0.2202 11 DG A C4    
230 P P     . DA A 12 ? 0.9424 1.4534 1.2247 0.1499  0.0241  -0.2434 12 DA A P     
231 O OP1   . DA A 12 ? 0.9613 1.5015 1.2611 0.1005  0.0405  -0.2491 12 DA A OP1   
232 O OP2   . DA A 12 ? 0.8862 1.4643 1.1865 0.1935  0.0126  -0.2662 12 DA A OP2   
233 O "O5'" . DA A 12 ? 0.9452 1.3745 1.1867 0.1630  0.0262  -0.2232 12 DA A "O5'" 
234 C "C5'" . DA A 12 ? 0.9512 1.3142 1.1715 0.1299  0.0332  -0.1998 12 DA A "C5'" 
235 C "C4'" . DA A 12 ? 0.9938 1.2806 1.1730 0.1507  0.0258  -0.1788 12 DA A "C4'" 
236 O "O4'" . DA A 12 ? 0.9588 1.2301 1.1280 0.1670  0.0106  -0.1681 12 DA A "O4'" 
237 C "C3'" . DA A 12 ? 1.0943 1.3735 1.2558 0.1886  0.0216  -0.1887 12 DA A "C3'" 
238 O "O3'" . DA A 12 ? 1.3132 1.5152 1.4350 0.1840  0.0228  -0.1702 12 DA A "O3'" 
239 C "C2'" . DA A 12 ? 1.0505 1.3325 1.2049 0.2279  0.0013  -0.1897 12 DA A "C2'" 
240 C "C1'" . DA A 12 ? 0.9589 1.2066 1.1016 0.2065  -0.0031 -0.1656 12 DA A "C1'" 
241 N N9    . DA A 12 ? 0.8723 1.1434 1.0182 0.2256  -0.0184 -0.1653 12 DA A N9    
242 C C8    . DA A 12 ? 0.8223 1.1603 1.0039 0.2226  -0.0201 -0.1820 12 DA A C8    
243 N N7    . DA A 12 ? 0.8329 1.1754 1.0033 0.2417  -0.0357 -0.1761 12 DA A N7    
244 C C5    . DA A 12 ? 0.8409 1.1122 0.9630 0.2547  -0.0451 -0.1513 12 DA A C5    
245 C C6    . DA A 12 ? 0.8627 1.1017 0.9457 0.2715  -0.0631 -0.1311 12 DA A C6    
246 N N6    . DA A 12 ? 0.8627 1.1434 0.9521 0.2827  -0.0746 -0.1343 12 DA A N6    
247 N N1    . DA A 12 ? 0.9126 1.0733 0.9454 0.2734  -0.0703 -0.1064 12 DA A N1    
248 C C2    . DA A 12 ? 0.9320 1.0520 0.9572 0.2623  -0.0596 -0.1052 12 DA A C2    
249 N N3    . DA A 12 ? 0.8994 1.0478 0.9592 0.2486  -0.0414 -0.1237 12 DA A N3    
250 C C4    . DA A 12 ? 0.8699 1.0946 0.9769 0.2444  -0.0349 -0.1452 12 DA A C4    
251 P P     . DG A 13 ? 1.4583 1.6523 1.5667 0.1933  0.0313  -0.1843 13 DG A P     
252 O OP1   . DG A 13 ? 1.5141 1.7140 1.6130 0.2464  0.0161  -0.2037 13 DG A OP1   
253 O OP2   . DG A 13 ? 1.4800 1.5997 1.5540 0.1677  0.0356  -0.1607 13 DG A OP2   
254 O "O5'" . DG A 13 ? 1.4039 1.6850 1.5535 0.1678  0.0506  -0.2060 13 DG A "O5'" 
# 
loop_
_pdbx_poly_seq_scheme.asym_id 
_pdbx_poly_seq_scheme.entity_id 
_pdbx_poly_seq_scheme.seq_id 
_pdbx_poly_seq_scheme.mon_id 
_pdbx_poly_seq_scheme.ndb_seq_num 
_pdbx_poly_seq_scheme.pdb_seq_num 
_pdbx_poly_seq_scheme.auth_seq_num 
_pdbx_poly_seq_scheme.pdb_mon_id 
_pdbx_poly_seq_scheme.auth_mon_id 
_pdbx_poly_seq_scheme.pdb_strand_id 
_pdbx_poly_seq_scheme.pdb_ins_code 
_pdbx_poly_seq_scheme.hetero 
A 1 1  DG 1  1  1  DG DG A . n 
A 1 2  DG 2  2  2  DG DG A . n 
A 1 3  DA 3  3  3  DA DA A . n 
A 1 4  DT 4  4  4  DT DT A . n 
A 1 5  DA 5  5  5  DA DA A . n 
A 1 6  DA 6  6  6  DA DA A . n 
A 1 7  DT 7  7  7  DT DT A . n 
A 1 8  DT 8  8  8  DT DT A . n 
A 1 9  DA 9  9  9  DA DA A . n 
A 1 10 DG 10 10 10 DG DG A . n 
A 1 11 DG 11 11 11 DG DG A . n 
A 1 12 DA 12 12 12 DA DA A . n 
A 1 13 DG 13 13 13 DG DG A . n 
# 
loop_
_pdbx_nonpoly_scheme.asym_id 
_pdbx_nonpoly_scheme.entity_id 
_pdbx_nonpoly_scheme.mon_id 
_pdbx_nonpoly_scheme.ndb_seq_num 
_pdbx_nonpoly_scheme.pdb_seq_num 
_pdbx_nonpoly_scheme.auth_seq_num 
_pdbx_nonpoly_scheme.pdb_mon_id 
_pdbx_nonpoly_scheme.auth_mon_id 
_pdbx_nonpoly_scheme.pdb_strand_id 
_pdbx_nonpoly_scheme.pdb_ins_code 
B 2 MG  1 101 1 MG  MG  A . 
C 3 HOH 1 201 1 HOH HOH A . 
C 3 HOH 2 202 2 HOH HOH A . 
# 
_pdbx_struct_assembly.id                   1 
_pdbx_struct_assembly.details              author_defined_assembly 
_pdbx_struct_assembly.method_details       ? 
_pdbx_struct_assembly.oligomeric_details   dimeric 
_pdbx_struct_assembly.oligomeric_count     2 
# 
_pdbx_struct_assembly_gen.assembly_id       1 
_pdbx_struct_assembly_gen.oper_expression   1,2 
_pdbx_struct_assembly_gen.asym_id_list      A,B,C 
# 
loop_
_pdbx_struct_oper_list.id 
_pdbx_struct_oper_list.type 
_pdbx_struct_oper_list.name 
_pdbx_struct_oper_list.symmetry_operation 
_pdbx_struct_oper_list.matrix[1][1] 
_pdbx_struct_oper_list.matrix[1][2] 
_pdbx_struct_oper_list.matrix[1][3] 
_pdbx_struct_oper_list.vector[1] 
_pdbx_struct_oper_list.matrix[2][1] 
_pdbx_struct_oper_list.matrix[2][2] 
_pdbx_struct_oper_list.matrix[2][3] 
_pdbx_struct_oper_list.vector[2] 
_pdbx_struct_oper_list.matrix[3][1] 
_pdbx_struct_oper_list.matrix[3][2] 
_pdbx_struct_oper_list.matrix[3][3] 
_pdbx_struct_oper_list.vector[3] 
1 'identity operation'         1_555 x,y,z     1.0000000000  0.0000000000 0.0000000000 0.0000000000 0.0000000000 1.0000000000  0.0000000000 0.0000000000  0.0000000000 0.0000000000 1.0000000000 0.0000000000  
2 'crystal symmetry operation' 4_545 -x,-y-1,z -0.7490208068 0.3784946034 0.5437919329 5.2044781765 0.3784946034 -0.4292030230 0.8200771916 -2.9143316530 0.5437919329 0.8200771916 0.1782238298 -0.3735931310 
# 
loop_
_pdbx_audit_revision_history.ordinal 
_pdbx_audit_revision_history.data_content_type 
_pdbx_audit_revision_history.major_revision 
_pdbx_audit_revision_history.minor_revision 
_pdbx_audit_revision_history.revision_date 
1 'Structure model' 1 0 2015-06-17 
2 'Structure model' 1 1 2015-09-09 
3 'Structure model' 1 2 2023-09-20 
# 
_pdbx_audit_revision_details.ordinal             1 
_pdbx_audit_revision_details.revision_ordinal    1 
_pdbx_audit_revision_details.data_content_type   'Structure model' 
_pdbx_audit_revision_details.provider            repository 
_pdbx_audit_revision_details.type                'Initial release' 
_pdbx_audit_revision_details.description         ? 
_pdbx_audit_revision_details.details             ? 
# 
loop_
_pdbx_audit_revision_group.ordinal 
_pdbx_audit_revision_group.revision_ordinal 
_pdbx_audit_revision_group.data_content_type 
_pdbx_audit_revision_group.group 
1 2 'Structure model' 'Database references'    
2 3 'Structure model' 'Data collection'        
3 3 'Structure model' 'Database references'    
4 3 'Structure model' 'Derived calculations'   
5 3 'Structure model' 'Refinement description' 
# 
loop_
_pdbx_audit_revision_category.ordinal 
_pdbx_audit_revision_category.revision_ordinal 
_pdbx_audit_revision_category.data_content_type 
_pdbx_audit_revision_category.category 
1 3 'Structure model' chem_comp_atom                
2 3 'Structure model' chem_comp_bond                
3 3 'Structure model' database_2                    
4 3 'Structure model' pdbx_initial_refinement_model 
5 3 'Structure model' struct_site                   
# 
loop_
_pdbx_audit_revision_item.ordinal 
_pdbx_audit_revision_item.revision_ordinal 
_pdbx_audit_revision_item.data_content_type 
_pdbx_audit_revision_item.item 
1 3 'Structure model' '_database_2.pdbx_DOI'                
2 3 'Structure model' '_database_2.pdbx_database_accession' 
3 3 'Structure model' '_struct_site.pdbx_auth_asym_id'      
4 3 'Structure model' '_struct_site.pdbx_auth_comp_id'      
5 3 'Structure model' '_struct_site.pdbx_auth_seq_id'       
# 
_pdbx_refine_tls.pdbx_refine_id   'X-RAY DIFFRACTION' 
_pdbx_refine_tls.id               1 
_pdbx_refine_tls.details          ? 
_pdbx_refine_tls.method           refined 
_pdbx_refine_tls.origin_x         0.2717 
_pdbx_refine_tls.origin_y         -0.1087 
_pdbx_refine_tls.origin_z         -0.0102 
_pdbx_refine_tls.T[1][1]          0.1543 
_pdbx_refine_tls.T[2][2]          0.3047 
_pdbx_refine_tls.T[3][3]          0.2784 
_pdbx_refine_tls.T[1][2]          0.0773 
_pdbx_refine_tls.T[1][3]          -0.0327 
_pdbx_refine_tls.T[2][3]          -0.1088 
_pdbx_refine_tls.L[1][1]          4.1220 
_pdbx_refine_tls.L[2][2]          1.7222 
_pdbx_refine_tls.L[3][3]          8.0653 
_pdbx_refine_tls.L[1][2]          0.6825 
_pdbx_refine_tls.L[1][3]          2.5800 
_pdbx_refine_tls.L[2][3]          1.4881 
_pdbx_refine_tls.S[1][1]          0.4276 
_pdbx_refine_tls.S[1][2]          0.8541 
_pdbx_refine_tls.S[1][3]          -0.5562 
_pdbx_refine_tls.S[2][1]          0.1735 
_pdbx_refine_tls.S[2][2]          -0.2577 
_pdbx_refine_tls.S[2][3]          0.1253 
_pdbx_refine_tls.S[3][1]          0.2430 
_pdbx_refine_tls.S[3][2]          0.4709 
_pdbx_refine_tls.S[3][3]          -0.1699 
# 
_pdbx_refine_tls_group.pdbx_refine_id      'X-RAY DIFFRACTION' 
_pdbx_refine_tls_group.id                  1 
_pdbx_refine_tls_group.refine_tls_id       1 
_pdbx_refine_tls_group.beg_auth_asym_id    A 
_pdbx_refine_tls_group.beg_auth_seq_id     1 
_pdbx_refine_tls_group.beg_label_asym_id   ? 
_pdbx_refine_tls_group.beg_label_seq_id    ? 
_pdbx_refine_tls_group.end_auth_asym_id    A 
_pdbx_refine_tls_group.end_auth_seq_id     13 
_pdbx_refine_tls_group.end_label_asym_id   ? 
_pdbx_refine_tls_group.end_label_seq_id    ? 
_pdbx_refine_tls_group.selection           ? 
_pdbx_refine_tls_group.selection_details   ? 
# 
_software.name             REFMAC 
_software.classification   refinement 
_software.version          5.8.0073 
_software.citation_id      ? 
_software.pdbx_ordinal     1 
# 
loop_
_pdbx_unobs_or_zero_occ_atoms.id 
_pdbx_unobs_or_zero_occ_atoms.PDB_model_num 
_pdbx_unobs_or_zero_occ_atoms.polymer_flag 
_pdbx_unobs_or_zero_occ_atoms.occupancy_flag 
_pdbx_unobs_or_zero_occ_atoms.auth_asym_id 
_pdbx_unobs_or_zero_occ_atoms.auth_comp_id 
_pdbx_unobs_or_zero_occ_atoms.auth_seq_id 
_pdbx_unobs_or_zero_occ_atoms.PDB_ins_code 
_pdbx_unobs_or_zero_occ_atoms.auth_atom_id 
_pdbx_unobs_or_zero_occ_atoms.label_alt_id 
_pdbx_unobs_or_zero_occ_atoms.label_asym_id 
_pdbx_unobs_or_zero_occ_atoms.label_comp_id 
_pdbx_unobs_or_zero_occ_atoms.label_seq_id 
_pdbx_unobs_or_zero_occ_atoms.label_atom_id 
1  1 Y 1 A DG 13 ? "C5'" ? A DG 13 "C5'" 
2  1 Y 1 A DG 13 ? "C4'" ? A DG 13 "C4'" 
3  1 Y 1 A DG 13 ? "O4'" ? A DG 13 "O4'" 
4  1 Y 1 A DG 13 ? "C3'" ? A DG 13 "C3'" 
5  1 Y 1 A DG 13 ? "O3'" ? A DG 13 "O3'" 
6  1 Y 1 A DG 13 ? "C2'" ? A DG 13 "C2'" 
7  1 Y 1 A DG 13 ? "C1'" ? A DG 13 "C1'" 
8  1 Y 1 A DG 13 ? N9    ? A DG 13 N9    
9  1 Y 1 A DG 13 ? C8    ? A DG 13 C8    
10 1 Y 1 A DG 13 ? N7    ? A DG 13 N7    
11 1 Y 1 A DG 13 ? C5    ? A DG 13 C5    
12 1 Y 1 A DG 13 ? C6    ? A DG 13 C6    
13 1 Y 1 A DG 13 ? O6    ? A DG 13 O6    
14 1 Y 1 A DG 13 ? N1    ? A DG 13 N1    
15 1 Y 1 A DG 13 ? C2    ? A DG 13 C2    
16 1 Y 1 A DG 13 ? N2    ? A DG 13 N2    
17 1 Y 1 A DG 13 ? N3    ? A DG 13 N3    
18 1 Y 1 A DG 13 ? C4    ? A DG 13 C4    
# 
loop_
_chem_comp_atom.comp_id 
_chem_comp_atom.atom_id 
_chem_comp_atom.type_symbol 
_chem_comp_atom.pdbx_aromatic_flag 
_chem_comp_atom.pdbx_stereo_config 
_chem_comp_atom.pdbx_ordinal 
DA  OP3    O  N N 1   
DA  P      P  N N 2   
DA  OP1    O  N N 3   
DA  OP2    O  N N 4   
DA  "O5'"  O  N N 5   
DA  "C5'"  C  N N 6   
DA  "C4'"  C  N R 7   
DA  "O4'"  O  N N 8   
DA  "C3'"  C  N S 9   
DA  "O3'"  O  N N 10  
DA  "C2'"  C  N N 11  
DA  "C1'"  C  N R 12  
DA  N9     N  Y N 13  
DA  C8     C  Y N 14  
DA  N7     N  Y N 15  
DA  C5     C  Y N 16  
DA  C6     C  Y N 17  
DA  N6     N  N N 18  
DA  N1     N  Y N 19  
DA  C2     C  Y N 20  
DA  N3     N  Y N 21  
DA  C4     C  Y N 22  
DA  HOP3   H  N N 23  
DA  HOP2   H  N N 24  
DA  "H5'"  H  N N 25  
DA  "H5''" H  N N 26  
DA  "H4'"  H  N N 27  
DA  "H3'"  H  N N 28  
DA  "HO3'" H  N N 29  
DA  "H2'"  H  N N 30  
DA  "H2''" H  N N 31  
DA  "H1'"  H  N N 32  
DA  H8     H  N N 33  
DA  H61    H  N N 34  
DA  H62    H  N N 35  
DA  H2     H  N N 36  
DG  OP3    O  N N 37  
DG  P      P  N N 38  
DG  OP1    O  N N 39  
DG  OP2    O  N N 40  
DG  "O5'"  O  N N 41  
DG  "C5'"  C  N N 42  
DG  "C4'"  C  N R 43  
DG  "O4'"  O  N N 44  
DG  "C3'"  C  N S 45  
DG  "O3'"  O  N N 46  
DG  "C2'"  C  N N 47  
DG  "C1'"  C  N R 48  
DG  N9     N  Y N 49  
DG  C8     C  Y N 50  
DG  N7     N  Y N 51  
DG  C5     C  Y N 52  
DG  C6     C  N N 53  
DG  O6     O  N N 54  
DG  N1     N  N N 55  
DG  C2     C  N N 56  
DG  N2     N  N N 57  
DG  N3     N  N N 58  
DG  C4     C  Y N 59  
DG  HOP3   H  N N 60  
DG  HOP2   H  N N 61  
DG  "H5'"  H  N N 62  
DG  "H5''" H  N N 63  
DG  "H4'"  H  N N 64  
DG  "H3'"  H  N N 65  
DG  "HO3'" H  N N 66  
DG  "H2'"  H  N N 67  
DG  "H2''" H  N N 68  
DG  "H1'"  H  N N 69  
DG  H8     H  N N 70  
DG  H1     H  N N 71  
DG  H21    H  N N 72  
DG  H22    H  N N 73  
DT  OP3    O  N N 74  
DT  P      P  N N 75  
DT  OP1    O  N N 76  
DT  OP2    O  N N 77  
DT  "O5'"  O  N N 78  
DT  "C5'"  C  N N 79  
DT  "C4'"  C  N R 80  
DT  "O4'"  O  N N 81  
DT  "C3'"  C  N S 82  
DT  "O3'"  O  N N 83  
DT  "C2'"  C  N N 84  
DT  "C1'"  C  N R 85  
DT  N1     N  N N 86  
DT  C2     C  N N 87  
DT  O2     O  N N 88  
DT  N3     N  N N 89  
DT  C4     C  N N 90  
DT  O4     O  N N 91  
DT  C5     C  N N 92  
DT  C7     C  N N 93  
DT  C6     C  N N 94  
DT  HOP3   H  N N 95  
DT  HOP2   H  N N 96  
DT  "H5'"  H  N N 97  
DT  "H5''" H  N N 98  
DT  "H4'"  H  N N 99  
DT  "H3'"  H  N N 100 
DT  "HO3'" H  N N 101 
DT  "H2'"  H  N N 102 
DT  "H2''" H  N N 103 
DT  "H1'"  H  N N 104 
DT  H3     H  N N 105 
DT  H71    H  N N 106 
DT  H72    H  N N 107 
DT  H73    H  N N 108 
DT  H6     H  N N 109 
HOH O      O  N N 110 
HOH H1     H  N N 111 
HOH H2     H  N N 112 
MG  MG     MG N N 113 
# 
loop_
_chem_comp_bond.comp_id 
_chem_comp_bond.atom_id_1 
_chem_comp_bond.atom_id_2 
_chem_comp_bond.value_order 
_chem_comp_bond.pdbx_aromatic_flag 
_chem_comp_bond.pdbx_stereo_config 
_chem_comp_bond.pdbx_ordinal 
DA  OP3   P      sing N N 1   
DA  OP3   HOP3   sing N N 2   
DA  P     OP1    doub N N 3   
DA  P     OP2    sing N N 4   
DA  P     "O5'"  sing N N 5   
DA  OP2   HOP2   sing N N 6   
DA  "O5'" "C5'"  sing N N 7   
DA  "C5'" "C4'"  sing N N 8   
DA  "C5'" "H5'"  sing N N 9   
DA  "C5'" "H5''" sing N N 10  
DA  "C4'" "O4'"  sing N N 11  
DA  "C4'" "C3'"  sing N N 12  
DA  "C4'" "H4'"  sing N N 13  
DA  "O4'" "C1'"  sing N N 14  
DA  "C3'" "O3'"  sing N N 15  
DA  "C3'" "C2'"  sing N N 16  
DA  "C3'" "H3'"  sing N N 17  
DA  "O3'" "HO3'" sing N N 18  
DA  "C2'" "C1'"  sing N N 19  
DA  "C2'" "H2'"  sing N N 20  
DA  "C2'" "H2''" sing N N 21  
DA  "C1'" N9     sing N N 22  
DA  "C1'" "H1'"  sing N N 23  
DA  N9    C8     sing Y N 24  
DA  N9    C4     sing Y N 25  
DA  C8    N7     doub Y N 26  
DA  C8    H8     sing N N 27  
DA  N7    C5     sing Y N 28  
DA  C5    C6     sing Y N 29  
DA  C5    C4     doub Y N 30  
DA  C6    N6     sing N N 31  
DA  C6    N1     doub Y N 32  
DA  N6    H61    sing N N 33  
DA  N6    H62    sing N N 34  
DA  N1    C2     sing Y N 35  
DA  C2    N3     doub Y N 36  
DA  C2    H2     sing N N 37  
DA  N3    C4     sing Y N 38  
DG  OP3   P      sing N N 39  
DG  OP3   HOP3   sing N N 40  
DG  P     OP1    doub N N 41  
DG  P     OP2    sing N N 42  
DG  P     "O5'"  sing N N 43  
DG  OP2   HOP2   sing N N 44  
DG  "O5'" "C5'"  sing N N 45  
DG  "C5'" "C4'"  sing N N 46  
DG  "C5'" "H5'"  sing N N 47  
DG  "C5'" "H5''" sing N N 48  
DG  "C4'" "O4'"  sing N N 49  
DG  "C4'" "C3'"  sing N N 50  
DG  "C4'" "H4'"  sing N N 51  
DG  "O4'" "C1'"  sing N N 52  
DG  "C3'" "O3'"  sing N N 53  
DG  "C3'" "C2'"  sing N N 54  
DG  "C3'" "H3'"  sing N N 55  
DG  "O3'" "HO3'" sing N N 56  
DG  "C2'" "C1'"  sing N N 57  
DG  "C2'" "H2'"  sing N N 58  
DG  "C2'" "H2''" sing N N 59  
DG  "C1'" N9     sing N N 60  
DG  "C1'" "H1'"  sing N N 61  
DG  N9    C8     sing Y N 62  
DG  N9    C4     sing Y N 63  
DG  C8    N7     doub Y N 64  
DG  C8    H8     sing N N 65  
DG  N7    C5     sing Y N 66  
DG  C5    C6     sing N N 67  
DG  C5    C4     doub Y N 68  
DG  C6    O6     doub N N 69  
DG  C6    N1     sing N N 70  
DG  N1    C2     sing N N 71  
DG  N1    H1     sing N N 72  
DG  C2    N2     sing N N 73  
DG  C2    N3     doub N N 74  
DG  N2    H21    sing N N 75  
DG  N2    H22    sing N N 76  
DG  N3    C4     sing N N 77  
DT  OP3   P      sing N N 78  
DT  OP3   HOP3   sing N N 79  
DT  P     OP1    doub N N 80  
DT  P     OP2    sing N N 81  
DT  P     "O5'"  sing N N 82  
DT  OP2   HOP2   sing N N 83  
DT  "O5'" "C5'"  sing N N 84  
DT  "C5'" "C4'"  sing N N 85  
DT  "C5'" "H5'"  sing N N 86  
DT  "C5'" "H5''" sing N N 87  
DT  "C4'" "O4'"  sing N N 88  
DT  "C4'" "C3'"  sing N N 89  
DT  "C4'" "H4'"  sing N N 90  
DT  "O4'" "C1'"  sing N N 91  
DT  "C3'" "O3'"  sing N N 92  
DT  "C3'" "C2'"  sing N N 93  
DT  "C3'" "H3'"  sing N N 94  
DT  "O3'" "HO3'" sing N N 95  
DT  "C2'" "C1'"  sing N N 96  
DT  "C2'" "H2'"  sing N N 97  
DT  "C2'" "H2''" sing N N 98  
DT  "C1'" N1     sing N N 99  
DT  "C1'" "H1'"  sing N N 100 
DT  N1    C2     sing N N 101 
DT  N1    C6     sing N N 102 
DT  C2    O2     doub N N 103 
DT  C2    N3     sing N N 104 
DT  N3    C4     sing N N 105 
DT  N3    H3     sing N N 106 
DT  C4    O4     doub N N 107 
DT  C4    C5     sing N N 108 
DT  C5    C7     sing N N 109 
DT  C5    C6     doub N N 110 
DT  C7    H71    sing N N 111 
DT  C7    H72    sing N N 112 
DT  C7    H73    sing N N 113 
DT  C6    H6     sing N N 114 
HOH O     H1     sing N N 115 
HOH O     H2     sing N N 116 
# 
_ndb_struct_conf_na.entry_id   4RP0 
_ndb_struct_conf_na.feature    'b-form double helix' 
# 
loop_
_ndb_struct_na_base_pair.model_number 
_ndb_struct_na_base_pair.i_label_asym_id 
_ndb_struct_na_base_pair.i_label_comp_id 
_ndb_struct_na_base_pair.i_label_seq_id 
_ndb_struct_na_base_pair.i_symmetry 
_ndb_struct_na_base_pair.j_label_asym_id 
_ndb_struct_na_base_pair.j_label_comp_id 
_ndb_struct_na_base_pair.j_label_seq_id 
_ndb_struct_na_base_pair.j_symmetry 
_ndb_struct_na_base_pair.shear 
_ndb_struct_na_base_pair.stretch 
_ndb_struct_na_base_pair.stagger 
_ndb_struct_na_base_pair.buckle 
_ndb_struct_na_base_pair.propeller 
_ndb_struct_na_base_pair.opening 
_ndb_struct_na_base_pair.pair_number 
_ndb_struct_na_base_pair.pair_name 
_ndb_struct_na_base_pair.i_auth_asym_id 
_ndb_struct_na_base_pair.i_auth_seq_id 
_ndb_struct_na_base_pair.i_PDB_ins_code 
_ndb_struct_na_base_pair.j_auth_asym_id 
_ndb_struct_na_base_pair.j_auth_seq_id 
_ndb_struct_na_base_pair.j_PDB_ins_code 
_ndb_struct_na_base_pair.hbond_type_28 
_ndb_struct_na_base_pair.hbond_type_12 
1 A DT 4 1_555 A DA 9 4_545 -0.187 -0.311 -0.403 3.118   -8.204  -0.112 1 A_DT4:DA9_A A 4 ? A 9 ? 20 1 
1 A DA 5 1_555 A DT 8 4_545 0.076  -0.291 0.303  11.480  -19.758 4.582  2 A_DA5:DT8_A A 5 ? A 8 ? 20 1 
1 A DA 6 1_555 A DT 7 4_545 -0.406 -0.171 0.401  4.751   -17.339 2.583  3 A_DA6:DT7_A A 6 ? A 7 ? 20 1 
1 A DT 7 1_555 A DA 6 4_545 0.406  -0.171 0.401  -4.751  -17.339 2.583  4 A_DT7:DA6_A A 7 ? A 6 ? 20 1 
1 A DT 8 1_555 A DA 5 4_545 -0.076 -0.291 0.303  -11.480 -19.758 4.582  5 A_DT8:DA5_A A 8 ? A 5 ? 20 1 
1 A DA 9 1_555 A DT 4 4_545 0.187  -0.311 -0.403 -3.118  -8.204  -0.112 6 A_DA9:DT4_A A 9 ? A 4 ? 20 1 
# 
loop_
_ndb_struct_na_base_pair_step.model_number 
_ndb_struct_na_base_pair_step.i_label_asym_id_1 
_ndb_struct_na_base_pair_step.i_label_comp_id_1 
_ndb_struct_na_base_pair_step.i_label_seq_id_1 
_ndb_struct_na_base_pair_step.i_symmetry_1 
_ndb_struct_na_base_pair_step.j_label_asym_id_1 
_ndb_struct_na_base_pair_step.j_label_comp_id_1 
_ndb_struct_na_base_pair_step.j_label_seq_id_1 
_ndb_struct_na_base_pair_step.j_symmetry_1 
_ndb_struct_na_base_pair_step.i_label_asym_id_2 
_ndb_struct_na_base_pair_step.i_label_comp_id_2 
_ndb_struct_na_base_pair_step.i_label_seq_id_2 
_ndb_struct_na_base_pair_step.i_symmetry_2 
_ndb_struct_na_base_pair_step.j_label_asym_id_2 
_ndb_struct_na_base_pair_step.j_label_comp_id_2 
_ndb_struct_na_base_pair_step.j_label_seq_id_2 
_ndb_struct_na_base_pair_step.j_symmetry_2 
_ndb_struct_na_base_pair_step.shift 
_ndb_struct_na_base_pair_step.slide 
_ndb_struct_na_base_pair_step.rise 
_ndb_struct_na_base_pair_step.tilt 
_ndb_struct_na_base_pair_step.roll 
_ndb_struct_na_base_pair_step.twist 
_ndb_struct_na_base_pair_step.x_displacement 
_ndb_struct_na_base_pair_step.y_displacement 
_ndb_struct_na_base_pair_step.helical_rise 
_ndb_struct_na_base_pair_step.inclination 
_ndb_struct_na_base_pair_step.tip 
_ndb_struct_na_base_pair_step.helical_twist 
_ndb_struct_na_base_pair_step.step_number 
_ndb_struct_na_base_pair_step.step_name 
_ndb_struct_na_base_pair_step.i_auth_asym_id_1 
_ndb_struct_na_base_pair_step.i_auth_seq_id_1 
_ndb_struct_na_base_pair_step.i_PDB_ins_code_1 
_ndb_struct_na_base_pair_step.j_auth_asym_id_1 
_ndb_struct_na_base_pair_step.j_auth_seq_id_1 
_ndb_struct_na_base_pair_step.j_PDB_ins_code_1 
_ndb_struct_na_base_pair_step.i_auth_asym_id_2 
_ndb_struct_na_base_pair_step.i_auth_seq_id_2 
_ndb_struct_na_base_pair_step.i_PDB_ins_code_2 
_ndb_struct_na_base_pair_step.j_auth_asym_id_2 
_ndb_struct_na_base_pair_step.j_auth_seq_id_2 
_ndb_struct_na_base_pair_step.j_PDB_ins_code_2 
1 A DT 4 1_555 A DA 9 4_545 A DA 5 1_555 A DT 8 4_545 -0.009 0.776  3.146 -1.538 3.131 40.195 0.783  -0.156 3.194 4.545 2.232  
40.339 1 AA_DT4DA5:DT8DA9_AA A 4 ? A 9 ? A 5 ? A 8 ? 
1 A DA 5 1_555 A DT 8 4_545 A DA 6 1_555 A DT 7 4_545 0.083  -0.259 3.311 -1.279 4.138 34.094 -1.089 -0.341 3.253 7.021 2.171  
34.360 2 AA_DA5DA6:DT7DT8_AA A 5 ? A 8 ? A 6 ? A 7 ? 
1 A DA 6 1_555 A DT 7 4_545 A DT 7 1_555 A DA 6 4_545 0.000  -0.560 3.452 0.000  0.842 38.967 -0.947 0.000  3.440 1.263 0.000  
38.976 3 AA_DA6DT7:DA6DT7_AA A 6 ? A 7 ? A 7 ? A 6 ? 
1 A DT 7 1_555 A DA 6 4_545 A DT 8 1_555 A DA 5 4_545 -0.083 -0.259 3.311 1.280  4.138 34.094 -1.089 0.341  3.253 7.021 -2.171 
34.360 4 AA_DT7DT8:DA5DA6_AA A 7 ? A 6 ? A 8 ? A 5 ? 
1 A DT 8 1_555 A DA 5 4_545 A DA 9 1_555 A DT 4 4_545 0.009  0.776  3.146 1.538  3.131 40.195 0.783  0.156  3.194 4.545 -2.232 
40.339 5 AA_DT8DA9:DT4DA5_AA A 8 ? A 5 ? A 9 ? A 4 ? 
# 
loop_
_pdbx_entity_nonpoly.entity_id 
_pdbx_entity_nonpoly.name 
_pdbx_entity_nonpoly.comp_id 
2 'MAGNESIUM ION' MG  
3 water           HOH 
# 
_pdbx_initial_refinement_model.id               1 
_pdbx_initial_refinement_model.entity_id_list   ? 
_pdbx_initial_refinement_model.type             'experimental model' 
_pdbx_initial_refinement_model.source_name      PDB 
_pdbx_initial_refinement_model.accession_code   1P1Y 
_pdbx_initial_refinement_model.details          'PDB ENTRY 1p1y' 
# 
